data_3ISM
#
_entry.id   3ISM
#
_cell.length_a   70.790
_cell.length_b   109.150
_cell.length_c   121.080
_cell.angle_alpha   90.00
_cell.angle_beta   90.00
_cell.angle_gamma   90.00
#
_symmetry.space_group_name_H-M   'P 21 21 21'
#
loop_
_entity.id
_entity.type
_entity.pdbx_description
1 polymer CG8862
2 polymer CG4930
3 non-polymer 'MAGNESIUM ION'
4 non-polymer 2-AMINO-2-HYDROXYMETHYL-PROPANE-1,3-DIOL
5 water water
#
loop_
_entity_poly.entity_id
_entity_poly.type
_entity_poly.pdbx_seq_one_letter_code
_entity_poly.pdbx_strand_id
1 'polypeptide(L)'
;MLIPAQENNVSLTATPSRIGQIMKYGFPGLDHVRSHSDYVLSYDRRNRVPHWVFEHLTAESVAKNDAVDRSKCDFKQDES
IHPFFRSQNTDYRRSGYDRGHMAAAGNHRLHQKHCDETFYLSNMAPQVGQGFNRDAWNTLEAHVRRLTKTYSNVYVCTGP
LYLPHKEDDGKSYVKYEVIGANTVAVPTHFYKVIVGESADHKLHMESYVMPNQVISNDTPISVFQVPPESVERSAGLLFF
DQINRKQLTTINGKKVAAALEHHHHHH
;
A,B
2 'polypeptide(L)'
;MAKRKAEDTQSDKMATAEKVAQNDYTIGLVDPVKDYQKLIETRVQVDEIVDDDVTKENFDRTAAAARDVIWRLLFDEAGT
SQSNTEKASQLLEEYRGDACFYDPTPYNEWIVKLRDEVLKKELLDFWRDVLVKKQLGPCWSRDSDLFDSDDTPPLEFYAH
AGCTAPFAASLKVRAALEEQASLDQDGPATPTTPGELSADDAAALSGEFEATLTKENPLEEYRTLMKRFVLTKIIVPDSV
HQASVKKIAAAAREIIWKLLFDGTPSAEDQNKAAELLQEYKGDAGFYGPDDYNSWIFNLRDEVLTKELLDFWRDKMVKME
LGPSCARDSDYYDNEDPLPFEFYEKAGCKAPFEGPVNDD
;
C
#
# COMPACT_ATOMS: atom_id res chain seq x y z
N THR A 13 11.70 31.76 14.57
CA THR A 13 13.17 31.93 14.76
C THR A 13 13.67 31.31 16.07
N ALA A 14 13.22 30.08 16.34
CA ALA A 14 13.80 29.27 17.41
C ALA A 14 15.01 28.54 16.83
N THR A 15 15.98 28.23 17.69
CA THR A 15 17.23 27.61 17.22
C THR A 15 17.12 26.12 16.85
N PRO A 16 16.50 25.29 17.70
CA PRO A 16 16.46 23.90 17.27
C PRO A 16 15.49 23.74 16.09
N SER A 17 15.79 22.79 15.21
CA SER A 17 15.02 22.58 14.01
C SER A 17 13.60 22.20 14.39
N ARG A 18 12.62 22.72 13.63
CA ARG A 18 11.24 22.41 13.91
C ARG A 18 10.96 20.91 13.70
N ILE A 19 11.56 20.30 12.67
CA ILE A 19 11.33 18.88 12.47
C ILE A 19 11.74 18.10 13.72
N GLY A 20 12.87 18.47 14.33
CA GLY A 20 13.33 17.82 15.55
C GLY A 20 12.38 17.98 16.72
N GLN A 21 11.72 19.13 16.81
CA GLN A 21 10.77 19.39 17.89
C GLN A 21 9.51 18.58 17.72
N ILE A 22 9.00 18.56 16.49
CA ILE A 22 7.76 17.85 16.21
C ILE A 22 7.97 16.35 16.42
N MET A 23 9.14 15.87 16.04
CA MET A 23 9.43 14.44 16.04
C MET A 23 10.08 13.94 17.33
N LYS A 24 9.92 14.71 18.38
CA LYS A 24 10.35 14.39 19.74
C LYS A 24 10.25 12.92 20.16
N TYR A 25 9.10 12.30 19.87
CA TYR A 25 8.79 10.97 20.36
C TYR A 25 9.11 9.83 19.38
N GLY A 26 9.77 10.12 18.25
CA GLY A 26 10.20 9.09 17.32
C GLY A 26 9.65 9.28 15.93
N PHE A 27 10.18 8.52 14.96
CA PHE A 27 9.63 8.50 13.60
C PHE A 27 8.88 7.20 13.42
N PRO A 28 7.58 7.27 13.07
CA PRO A 28 6.83 6.07 12.74
C PRO A 28 7.50 5.25 11.63
N GLY A 29 8.16 5.95 10.73
CA GLY A 29 8.88 5.35 9.62
C GLY A 29 9.70 6.44 8.98
N LEU A 30 10.51 6.06 8.01
CA LEU A 30 11.43 6.99 7.37
C LEU A 30 11.29 7.06 5.84
N ASP A 31 10.15 6.63 5.31
CA ASP A 31 9.93 6.71 3.88
C ASP A 31 9.56 8.13 3.42
N HIS A 32 10.45 8.74 2.64
CA HIS A 32 10.10 9.93 1.87
C HIS A 32 9.58 11.04 2.79
N VAL A 33 10.41 11.39 3.76
CA VAL A 33 10.06 12.34 4.81
C VAL A 33 10.33 13.76 4.37
N ARG A 34 9.30 14.62 4.49
CA ARG A 34 9.39 16.05 4.14
C ARG A 34 9.02 16.87 5.37
N SER A 35 9.79 17.93 5.60
CA SER A 35 9.52 18.84 6.69
C SER A 35 8.92 20.13 6.14
N HIS A 36 7.69 20.46 6.53
CA HIS A 36 7.14 21.77 6.22
C HIS A 36 7.42 22.72 7.38
N SER A 37 6.91 23.94 7.30
CA SER A 37 7.20 24.91 8.34
C SER A 37 6.63 24.50 9.69
N ASP A 38 5.48 23.84 9.70
CA ASP A 38 4.88 23.48 10.98
C ASP A 38 4.28 22.07 11.02
N TYR A 39 4.65 21.21 10.07
CA TYR A 39 4.32 19.79 10.15
C TYR A 39 5.32 18.92 9.39
N VAL A 40 5.26 17.62 9.68
CA VAL A 40 6.17 16.64 9.10
C VAL A 40 5.33 15.60 8.35
N LEU A 41 5.79 15.18 7.18
CA LEU A 41 5.03 14.28 6.34
C LEU A 41 5.91 13.16 5.80
N SER A 42 5.38 11.93 5.82
CA SER A 42 6.02 10.82 5.12
C SER A 42 5.09 10.49 3.98
N TYR A 43 5.62 10.47 2.77
CA TYR A 43 4.80 10.31 1.55
C TYR A 43 4.89 8.90 0.98
N ASP A 44 3.74 8.32 0.71
CA ASP A 44 3.60 6.99 0.15
C ASP A 44 3.46 7.14 -1.36
N ARG A 45 4.57 6.96 -2.07
CA ARG A 45 4.60 7.15 -3.53
C ARG A 45 3.77 6.11 -4.28
N ARG A 46 3.68 4.92 -3.71
CA ARG A 46 2.87 3.87 -4.30
CA ARG A 46 2.88 3.84 -4.26
C ARG A 46 1.39 4.21 -4.24
N ASN A 47 0.97 4.82 -3.13
CA ASN A 47 -0.44 5.16 -2.98
C ASN A 47 -0.81 6.60 -3.32
N ARG A 48 0.20 7.46 -3.49
CA ARG A 48 -0.03 8.89 -3.87
C ARG A 48 -0.78 9.66 -2.74
N VAL A 49 -0.54 9.24 -1.49
CA VAL A 49 -1.09 9.89 -0.29
C VAL A 49 -0.01 9.74 0.77
N PRO A 50 -0.15 10.41 1.95
CA PRO A 50 0.87 10.15 2.98
C PRO A 50 0.80 8.75 3.60
N HIS A 51 1.94 8.27 4.08
CA HIS A 51 1.95 7.23 5.07
C HIS A 51 1.43 7.81 6.40
N TRP A 52 1.95 8.98 6.77
CA TRP A 52 1.58 9.66 8.01
C TRP A 52 2.01 11.10 7.96
N VAL A 53 1.36 11.92 8.78
CA VAL A 53 1.86 13.25 9.14
C VAL A 53 1.99 13.35 10.66
N PHE A 54 2.83 14.27 11.11
CA PHE A 54 3.03 14.52 12.54
C PHE A 54 2.93 16.00 12.80
N GLU A 55 2.23 16.36 13.87
CA GLU A 55 2.09 17.75 14.28
C GLU A 55 2.34 17.89 15.78
N HIS A 56 2.83 19.06 16.18
CA HIS A 56 2.99 19.41 17.58
C HIS A 56 2.19 20.69 17.79
N LEU A 57 1.11 20.59 18.57
CA LEU A 57 0.17 21.69 18.75
C LEU A 57 0.30 22.31 20.12
N THR A 58 0.01 23.61 20.20
CA THR A 58 -0.13 24.34 21.44
C THR A 58 -1.36 25.23 21.30
N ALA A 59 -1.88 25.75 22.40
CA ALA A 59 -2.99 26.70 22.39
C ALA A 59 -2.72 27.83 21.39
N GLU A 60 -1.49 28.36 21.40
CA GLU A 60 -1.11 29.43 20.47
C GLU A 60 -1.21 29.06 18.99
N SER A 61 -0.70 27.88 18.64
CA SER A 61 -0.59 27.50 17.24
C SER A 61 -1.93 27.09 16.61
N VAL A 62 -2.92 26.79 17.45
CA VAL A 62 -4.28 26.51 16.96
C VAL A 62 -5.28 27.64 17.23
N ALA A 63 -4.79 28.79 17.71
CA ALA A 63 -5.69 29.89 18.06
C ALA A 63 -6.06 30.71 16.83
N LYS A 64 -7.33 31.14 16.76
CA LYS A 64 -7.81 32.06 15.71
C LYS A 64 -6.90 33.27 15.62
N ASN A 65 -6.49 33.58 14.40
CA ASN A 65 -5.51 34.60 14.15
C ASN A 65 -6.04 35.44 13.00
N ASP A 66 -6.07 36.77 13.22
CA ASP A 66 -6.49 37.71 12.19
CA ASP A 66 -6.49 37.71 12.19
C ASP A 66 -5.61 37.60 10.96
N ALA A 67 -4.34 37.25 11.18
CA ALA A 67 -3.35 37.23 10.11
C ALA A 67 -3.31 35.92 9.31
N VAL A 68 -4.16 34.96 9.68
CA VAL A 68 -4.35 33.73 8.91
C VAL A 68 -5.79 33.61 8.40
N ASP A 69 -5.93 33.52 7.08
CA ASP A 69 -7.22 33.45 6.41
C ASP A 69 -7.23 32.22 5.51
N ARG A 70 -7.87 31.16 5.99
CA ARG A 70 -7.91 29.87 5.28
C ARG A 70 -8.48 29.99 3.87
N SER A 71 -9.32 31.00 3.65
CA SER A 71 -9.95 31.19 2.35
C SER A 71 -8.98 31.65 1.28
N LYS A 72 -7.80 32.11 1.68
CA LYS A 72 -6.74 32.48 0.72
C LYS A 72 -5.92 31.29 0.19
N CYS A 73 -6.16 30.09 0.73
CA CYS A 73 -5.38 28.91 0.38
C CYS A 73 -5.96 28.11 -0.77
N ASP A 74 -5.04 27.60 -1.59
CA ASP A 74 -5.36 26.84 -2.78
C ASP A 74 -4.80 25.44 -2.68
N PHE A 75 -5.61 24.45 -3.04
CA PHE A 75 -5.14 23.10 -3.26
C PHE A 75 -4.18 23.07 -4.45
N LYS A 76 -2.96 22.62 -4.22
CA LYS A 76 -1.96 22.61 -5.30
C LYS A 76 -1.07 21.37 -5.28
N GLN A 77 -0.66 20.95 -6.47
CA GLN A 77 0.27 19.84 -6.59
C GLN A 77 1.62 20.16 -5.93
N ASP A 78 2.25 19.13 -5.40
CA ASP A 78 3.54 19.27 -4.76
C ASP A 78 4.62 18.99 -5.80
N GLU A 79 5.26 20.06 -6.30
CA GLU A 79 6.30 19.92 -7.31
C GLU A 79 7.59 19.30 -6.77
N SER A 80 7.70 19.14 -5.46
CA SER A 80 8.86 18.43 -4.91
C SER A 80 8.69 16.89 -5.01
N ILE A 81 7.49 16.43 -5.37
CA ILE A 81 7.25 15.00 -5.60
C ILE A 81 7.51 14.70 -7.08
N HIS A 82 8.16 13.56 -7.36
CA HIS A 82 8.38 13.15 -8.74
C HIS A 82 7.01 13.04 -9.46
N PRO A 83 6.94 13.52 -10.72
CA PRO A 83 5.71 13.49 -11.52
C PRO A 83 4.93 12.15 -11.50
N PHE A 84 5.62 11.02 -11.49
CA PHE A 84 4.95 9.71 -11.49
C PHE A 84 4.05 9.50 -10.26
N PHE A 85 4.36 10.17 -9.14
CA PHE A 85 3.74 9.83 -7.84
C PHE A 85 2.93 10.98 -7.24
N ARG A 86 2.74 12.01 -8.05
CA ARG A 86 2.13 13.23 -7.63
C ARG A 86 0.62 13.12 -7.82
N SER A 87 -0.16 13.29 -6.76
CA SER A 87 -1.60 13.43 -6.97
C SER A 87 -1.92 14.80 -7.56
N GLN A 88 -3.04 14.89 -8.28
CA GLN A 88 -3.43 16.12 -8.99
C GLN A 88 -4.89 16.39 -8.69
N ASN A 89 -5.29 17.66 -8.79
CA ASN A 89 -6.72 18.01 -8.65
C ASN A 89 -7.65 17.23 -9.59
N THR A 90 -7.20 17.01 -10.83
CA THR A 90 -7.90 16.16 -11.81
C THR A 90 -8.20 14.75 -11.31
N ASP A 91 -7.38 14.25 -10.38
CA ASP A 91 -7.60 12.92 -9.79
C ASP A 91 -8.81 12.90 -8.84
N TYR A 92 -9.05 14.02 -8.15
CA TYR A 92 -10.12 14.15 -7.19
C TYR A 92 -11.43 14.71 -7.75
N ARG A 93 -11.38 15.50 -8.82
CA ARG A 93 -12.58 16.19 -9.33
C ARG A 93 -13.61 15.14 -9.76
N ARG A 94 -14.82 15.25 -9.22
CA ARG A 94 -15.90 14.28 -9.54
C ARG A 94 -15.53 12.80 -9.28
N SER A 95 -14.61 12.56 -8.34
CA SER A 95 -14.26 11.23 -7.88
C SER A 95 -15.29 10.69 -6.89
N GLY A 96 -16.07 11.60 -6.30
CA GLY A 96 -16.94 11.25 -5.19
C GLY A 96 -16.23 11.43 -3.84
N TYR A 97 -15.00 11.94 -3.87
CA TYR A 97 -14.19 12.12 -2.67
C TYR A 97 -13.65 13.55 -2.52
N ASP A 98 -13.57 13.99 -1.27
CA ASP A 98 -12.93 15.23 -0.91
C ASP A 98 -11.40 15.07 -0.95
N ARG A 99 -10.71 16.18 -1.21
CA ARG A 99 -9.28 16.27 -0.91
C ARG A 99 -9.17 16.46 0.61
N GLY A 100 -8.80 15.38 1.31
CA GLY A 100 -8.81 15.35 2.75
C GLY A 100 -7.44 15.54 3.36
N HIS A 101 -7.29 16.67 4.06
CA HIS A 101 -6.06 17.01 4.80
C HIS A 101 -5.74 15.93 5.81
N MET A 102 -4.50 15.47 5.82
CA MET A 102 -4.02 14.71 6.98
C MET A 102 -3.61 15.69 8.10
N ALA A 103 -2.68 16.60 7.78
CA ALA A 103 -2.40 17.77 8.63
C ALA A 103 -3.44 18.87 8.34
N ALA A 104 -4.39 19.02 9.26
CA ALA A 104 -5.51 19.95 9.06
C ALA A 104 -5.04 21.39 9.04
N ALA A 105 -5.69 22.19 8.20
CA ALA A 105 -5.35 23.61 8.06
C ALA A 105 -5.54 24.39 9.37
N GLY A 106 -6.59 24.03 10.12
CA GLY A 106 -6.88 24.66 11.41
C GLY A 106 -5.89 24.44 12.54
N ASN A 107 -4.98 23.47 12.36
CA ASN A 107 -3.93 23.19 13.32
C ASN A 107 -2.71 24.10 13.20
N HIS A 108 -2.67 24.96 12.19
CA HIS A 108 -1.43 25.67 11.84
C HIS A 108 -1.70 27.13 11.54
N ARG A 109 -1.91 27.86 12.62
CA ARG A 109 -2.38 29.23 12.55
C ARG A 109 -1.37 30.27 13.02
N LEU A 110 -0.10 29.92 13.14
CA LEU A 110 0.89 30.90 13.57
C LEU A 110 1.22 31.86 12.42
N HIS A 111 1.10 31.36 11.19
CA HIS A 111 1.41 32.16 10.00
C HIS A 111 0.67 31.60 8.79
N GLN A 112 0.25 32.50 7.90
CA GLN A 112 -0.44 32.17 6.65
C GLN A 112 0.26 31.06 5.86
N LYS A 113 1.58 31.18 5.74
CA LYS A 113 2.43 30.24 5.03
C LYS A 113 2.31 28.85 5.61
N HIS A 114 2.24 28.75 6.95
CA HIS A 114 2.10 27.46 7.61
C HIS A 114 0.76 26.80 7.22
N CYS A 115 -0.29 27.60 7.16
CA CYS A 115 -1.59 27.14 6.70
C CYS A 115 -1.56 26.74 5.20
N ASP A 116 -1.02 27.61 4.35
CA ASP A 116 -0.92 27.35 2.90
C ASP A 116 -0.26 26.01 2.56
N GLU A 117 0.78 25.65 3.32
CA GLU A 117 1.51 24.41 3.12
C GLU A 117 0.69 23.15 3.39
N THR A 118 -0.37 23.25 4.16
CA THR A 118 -1.24 22.06 4.35
C THR A 118 -2.12 21.80 3.11
N PHE A 119 -2.13 22.73 2.16
CA PHE A 119 -2.94 22.57 0.95
C PHE A 119 -2.18 21.91 -0.23
N TYR A 120 -0.93 21.51 0.00
CA TYR A 120 -0.23 20.60 -0.94
C TYR A 120 -0.99 19.30 -1.06
N LEU A 121 -1.23 18.86 -2.29
CA LEU A 121 -1.97 17.64 -2.54
C LEU A 121 -1.23 16.42 -1.98
N SER A 122 0.04 16.58 -1.67
CA SER A 122 0.81 15.52 -1.01
C SER A 122 0.33 15.27 0.43
N ASN A 123 -0.37 16.25 1.02
CA ASN A 123 -0.97 16.16 2.35
C ASN A 123 -2.41 15.62 2.31
N MET A 124 -2.87 15.24 1.11
CA MET A 124 -4.26 14.80 0.92
C MET A 124 -4.44 13.31 0.72
N ALA A 125 -5.52 12.77 1.28
CA ALA A 125 -6.02 11.45 0.93
C ALA A 125 -7.49 11.60 0.57
N PRO A 126 -8.01 10.73 -0.32
CA PRO A 126 -9.44 10.75 -0.62
C PRO A 126 -10.30 10.44 0.60
N GLN A 127 -11.19 11.36 0.92
CA GLN A 127 -12.05 11.21 2.10
C GLN A 127 -13.49 11.44 1.72
N VAL A 128 -14.38 10.57 2.20
CA VAL A 128 -15.82 10.84 2.12
C VAL A 128 -16.08 12.26 2.66
N GLY A 129 -16.89 13.05 1.92
CA GLY A 129 -17.13 14.45 2.24
C GLY A 129 -18.11 14.71 3.38
N GLN A 130 -19.39 14.84 3.02
CA GLN A 130 -20.45 14.98 4.00
C GLN A 130 -20.48 13.70 4.84
N GLY A 131 -20.61 13.85 6.14
CA GLY A 131 -20.70 12.68 7.01
C GLY A 131 -19.34 12.18 7.41
N PHE A 132 -18.28 12.81 6.89
CA PHE A 132 -16.92 12.41 7.24
C PHE A 132 -15.89 13.56 7.28
N ASN A 133 -15.16 13.79 6.20
CA ASN A 133 -14.23 14.93 6.12
C ASN A 133 -14.78 16.25 6.70
N ARG A 134 -15.97 16.62 6.24
CA ARG A 134 -16.59 17.90 6.58
C ARG A 134 -17.28 17.88 7.94
N ASP A 135 -17.43 16.69 8.50
CA ASP A 135 -18.25 16.50 9.69
C ASP A 135 -17.48 15.68 10.74
N ALA A 136 -17.77 14.38 10.85
CA ALA A 136 -17.20 13.51 11.93
C ALA A 136 -15.65 13.58 12.08
N TRP A 137 -14.95 13.57 10.96
CA TRP A 137 -13.49 13.70 10.97
C TRP A 137 -13.05 15.10 11.45
N ASN A 138 -13.76 16.12 10.98
CA ASN A 138 -13.60 17.48 11.54
C ASN A 138 -13.87 17.54 13.06
N THR A 139 -14.89 16.83 13.52
CA THR A 139 -15.16 16.73 14.95
C THR A 139 -13.96 16.17 15.73
N LEU A 140 -13.34 15.10 15.23
CA LEU A 140 -12.10 14.60 15.85
C LEU A 140 -10.94 15.63 15.81
N GLU A 141 -10.73 16.24 14.64
CA GLU A 141 -9.73 17.31 14.51
C GLU A 141 -9.97 18.44 15.54
N ALA A 142 -11.23 18.83 15.72
CA ALA A 142 -11.58 19.87 16.70
C ALA A 142 -11.32 19.42 18.11
N HIS A 143 -11.57 18.13 18.38
CA HIS A 143 -11.28 17.56 19.68
C HIS A 143 -9.79 17.62 20.00
N VAL A 144 -8.94 17.22 19.04
CA VAL A 144 -7.48 17.28 19.22
C VAL A 144 -7.00 18.72 19.46
N ARG A 145 -7.60 19.68 18.77
CA ARG A 145 -7.28 21.11 19.03
C ARG A 145 -7.71 21.55 20.43
N ARG A 146 -8.91 21.12 20.86
CA ARG A 146 -9.43 21.43 22.20
C ARG A 146 -8.54 20.86 23.33
N LEU A 147 -7.81 19.79 23.03
CA LEU A 147 -6.88 19.19 24.02
C LEU A 147 -5.77 20.13 24.48
N THR A 148 -5.42 21.13 23.64
CA THR A 148 -4.45 22.16 24.02
C THR A 148 -4.91 23.05 25.20
N LYS A 149 -6.21 23.01 25.53
CA LYS A 149 -6.71 23.64 26.76
C LYS A 149 -6.41 22.80 28.01
N THR A 150 -6.21 21.51 27.86
CA THR A 150 -5.92 20.62 29.00
C THR A 150 -4.41 20.39 29.14
N TYR A 151 -3.76 20.19 28.01
CA TYR A 151 -2.34 19.89 27.94
C TYR A 151 -1.58 21.06 27.35
N SER A 152 -0.39 21.32 27.87
CA SER A 152 0.49 22.37 27.38
C SER A 152 0.90 22.12 25.93
N ASN A 153 1.20 20.85 25.64
CA ASN A 153 1.66 20.43 24.34
C ASN A 153 0.95 19.16 23.94
N VAL A 154 0.55 19.12 22.67
CA VAL A 154 -0.18 18.01 22.09
C VAL A 154 0.52 17.53 20.82
N TYR A 155 0.95 16.27 20.82
CA TYR A 155 1.65 15.68 19.69
C TYR A 155 0.69 14.71 19.02
N VAL A 156 0.60 14.75 17.70
CA VAL A 156 -0.37 13.89 17.04
C VAL A 156 0.11 13.38 15.70
N CYS A 157 -0.11 12.08 15.48
CA CYS A 157 0.16 11.40 14.23
C CYS A 157 -1.16 10.97 13.58
N THR A 158 -1.34 11.35 12.32
CA THR A 158 -2.55 11.09 11.58
C THR A 158 -2.15 10.34 10.32
N GLY A 159 -2.89 9.31 9.96
CA GLY A 159 -2.57 8.65 8.69
C GLY A 159 -3.66 7.73 8.24
N PRO A 160 -3.51 7.17 7.03
CA PRO A 160 -4.43 6.22 6.45
C PRO A 160 -4.21 4.77 6.87
N LEU A 161 -5.30 4.00 6.82
CA LEU A 161 -5.25 2.56 6.94
C LEU A 161 -5.89 1.88 5.72
N TYR A 162 -5.46 0.65 5.44
CA TYR A 162 -6.07 -0.14 4.36
C TYR A 162 -6.43 -1.50 4.95
N LEU A 163 -7.60 -1.58 5.58
CA LEU A 163 -7.91 -2.71 6.45
C LEU A 163 -8.60 -3.87 5.75
N PRO A 164 -8.18 -5.10 6.07
CA PRO A 164 -8.87 -6.27 5.50
C PRO A 164 -10.30 -6.49 5.99
N HIS A 165 -11.07 -7.22 5.18
CA HIS A 165 -12.38 -7.67 5.57
C HIS A 165 -12.40 -9.16 5.23
N LYS A 166 -13.29 -9.89 5.89
CA LYS A 166 -13.39 -11.32 5.71
C LYS A 166 -14.57 -11.53 4.76
N GLU A 167 -14.41 -12.47 3.82
CA GLU A 167 -15.53 -12.81 2.92
C GLU A 167 -16.16 -14.16 3.25
N ASP A 168 -17.30 -14.44 2.60
CA ASP A 168 -18.02 -15.73 2.64
C ASP A 168 -17.13 -16.99 2.66
N ASP A 169 -15.97 -16.91 2.02
CA ASP A 169 -15.07 -18.06 1.85
C ASP A 169 -14.15 -18.28 3.06
N GLY A 170 -14.27 -17.41 4.06
CA GLY A 170 -13.48 -17.50 5.27
C GLY A 170 -12.10 -16.86 5.12
N LYS A 171 -11.81 -16.37 3.92
CA LYS A 171 -10.55 -15.71 3.65
C LYS A 171 -10.67 -14.21 3.92
N SER A 172 -9.53 -13.56 4.10
CA SER A 172 -9.50 -12.13 4.31
C SER A 172 -8.79 -11.46 3.15
N TYR A 173 -9.30 -10.29 2.76
CA TYR A 173 -8.77 -9.52 1.63
C TYR A 173 -8.74 -8.04 2.01
N VAL A 174 -7.77 -7.31 1.47
CA VAL A 174 -7.73 -5.85 1.56
C VAL A 174 -8.24 -5.35 0.21
N LYS A 175 -9.27 -4.50 0.23
CA LYS A 175 -9.81 -3.91 -1.00
C LYS A 175 -9.98 -2.40 -0.88
N TYR A 176 -9.49 -1.67 -1.86
CA TYR A 176 -9.72 -0.24 -1.87
C TYR A 176 -9.73 0.35 -3.27
N GLU A 177 -10.53 1.41 -3.43
CA GLU A 177 -10.62 2.15 -4.68
C GLU A 177 -9.35 2.98 -4.95
N VAL A 178 -9.01 3.12 -6.21
CA VAL A 178 -7.96 4.04 -6.64
C VAL A 178 -8.58 5.02 -7.65
N ILE A 179 -8.35 6.32 -7.45
CA ILE A 179 -9.04 7.32 -8.27
C ILE A 179 -8.13 8.10 -9.19
N GLY A 180 -8.68 8.52 -10.31
CA GLY A 180 -7.96 9.31 -11.31
C GLY A 180 -6.90 8.54 -12.09
N ALA A 181 -6.30 9.23 -13.06
CA ALA A 181 -5.23 8.67 -13.89
C ALA A 181 -4.01 8.37 -13.05
N ASN A 182 -3.84 9.10 -11.94
CA ASN A 182 -2.70 8.80 -11.04
C ASN A 182 -2.98 7.73 -9.99
N THR A 183 -4.13 7.07 -10.11
CA THR A 183 -4.51 5.94 -9.24
C THR A 183 -4.20 6.23 -7.78
N VAL A 184 -4.91 7.20 -7.23
CA VAL A 184 -4.66 7.64 -5.85
C VAL A 184 -5.48 6.72 -4.97
N ALA A 185 -4.84 6.13 -3.97
CA ALA A 185 -5.53 5.14 -3.13
C ALA A 185 -6.60 5.79 -2.25
N VAL A 186 -7.77 5.16 -2.14
CA VAL A 186 -8.80 5.58 -1.20
C VAL A 186 -8.73 4.73 0.08
N PRO A 187 -8.16 5.31 1.16
CA PRO A 187 -7.99 4.49 2.37
C PRO A 187 -9.33 4.00 2.90
N THR A 188 -9.32 2.87 3.61
CA THR A 188 -10.53 2.34 4.18
C THR A 188 -10.85 3.04 5.52
N HIS A 189 -9.81 3.46 6.22
CA HIS A 189 -9.94 4.01 7.57
C HIS A 189 -8.86 5.07 7.74
N PHE A 190 -9.00 5.93 8.76
CA PHE A 190 -7.91 6.83 9.14
C PHE A 190 -7.78 6.78 10.68
N TYR A 191 -6.58 7.04 11.18
CA TYR A 191 -6.31 7.09 12.63
C TYR A 191 -5.72 8.43 13.01
N LYS A 192 -5.84 8.77 14.29
CA LYS A 192 -4.98 9.72 14.98
C LYS A 192 -4.52 9.01 16.28
N VAL A 193 -3.22 9.08 16.54
CA VAL A 193 -2.65 8.70 17.81
C VAL A 193 -2.05 9.97 18.41
N ILE A 194 -2.44 10.26 19.64
CA ILE A 194 -2.25 11.58 20.24
C ILE A 194 -1.58 11.42 21.58
N VAL A 195 -0.60 12.27 21.88
CA VAL A 195 -0.07 12.36 23.24
C VAL A 195 -0.15 13.79 23.78
N GLY A 196 -0.81 13.96 24.92
CA GLY A 196 -0.82 15.23 25.63
C GLY A 196 0.16 15.18 26.78
N GLU A 197 0.90 16.27 26.95
CA GLU A 197 1.79 16.45 28.08
C GLU A 197 1.14 17.36 29.10
N SER A 198 0.96 16.82 30.31
CA SER A 198 0.38 17.58 31.41
C SER A 198 1.36 18.55 32.05
N ALA A 199 0.80 19.45 32.84
CA ALA A 199 1.58 20.42 33.61
C ALA A 199 2.44 19.74 34.69
N ASP A 200 2.03 18.55 35.09
CA ASP A 200 2.78 17.73 36.06
C ASP A 200 3.77 16.82 35.33
N HIS A 201 3.87 17.03 34.02
CA HIS A 201 4.77 16.31 33.11
C HIS A 201 4.34 14.87 32.80
N LYS A 202 3.14 14.49 33.27
CA LYS A 202 2.55 13.20 32.92
C LYS A 202 2.09 13.17 31.46
N LEU A 203 2.06 11.97 30.90
CA LEU A 203 1.75 11.77 29.52
C LEU A 203 0.43 11.01 29.37
N HIS A 204 -0.43 11.51 28.50
CA HIS A 204 -1.75 10.93 28.29
C HIS A 204 -1.94 10.63 26.81
N MET A 205 -2.28 9.38 26.50
CA MET A 205 -2.45 8.97 25.11
C MET A 205 -3.91 8.76 24.75
N GLU A 206 -4.27 9.13 23.52
CA GLU A 206 -5.54 8.77 22.88
C GLU A 206 -5.28 8.20 21.49
N SER A 207 -6.21 7.40 21.00
CA SER A 207 -5.98 6.60 19.80
C SER A 207 -7.32 6.24 19.17
N TYR A 208 -7.58 6.70 17.95
CA TYR A 208 -8.88 6.54 17.28
C TYR A 208 -8.68 5.90 15.92
N VAL A 209 -9.63 5.07 15.49
CA VAL A 209 -9.69 4.65 14.10
C VAL A 209 -11.13 4.88 13.61
N MET A 210 -11.26 5.60 12.51
CA MET A 210 -12.57 5.92 11.95
C MET A 210 -12.67 5.45 10.53
N PRO A 211 -13.81 4.89 10.14
CA PRO A 211 -13.98 4.42 8.78
C PRO A 211 -14.17 5.61 7.83
N ASN A 212 -13.57 5.52 6.65
CA ASN A 212 -13.75 6.49 5.56
C ASN A 212 -15.11 6.24 4.91
N GLN A 213 -16.15 6.75 5.56
CA GLN A 213 -17.54 6.51 5.17
C GLN A 213 -18.38 7.53 5.93
N VAL A 214 -19.64 7.65 5.54
CA VAL A 214 -20.59 8.54 6.19
C VAL A 214 -20.79 8.05 7.63
N ILE A 215 -20.54 8.94 8.58
CA ILE A 215 -20.76 8.67 9.99
C ILE A 215 -21.80 9.68 10.47
N SER A 216 -22.81 9.19 11.18
CA SER A 216 -23.81 10.03 11.83
C SER A 216 -23.17 11.13 12.69
N ASN A 217 -23.72 12.34 12.59
CA ASN A 217 -23.32 13.45 13.47
C ASN A 217 -23.62 13.20 14.95
N ASP A 218 -24.50 12.24 15.22
CA ASP A 218 -24.82 11.81 16.59
C ASP A 218 -23.75 10.95 17.24
N THR A 219 -22.93 10.29 16.43
CA THR A 219 -21.97 9.33 16.95
C THR A 219 -20.85 10.02 17.72
N PRO A 220 -20.74 9.72 19.03
CA PRO A 220 -19.65 10.29 19.82
C PRO A 220 -18.32 9.74 19.29
N ILE A 221 -17.29 10.57 19.24
CA ILE A 221 -16.02 10.10 18.69
C ILE A 221 -15.32 9.07 19.59
N SER A 222 -15.73 8.98 20.86
CA SER A 222 -15.18 8.00 21.80
C SER A 222 -15.46 6.56 21.35
N VAL A 223 -16.55 6.37 20.59
CA VAL A 223 -16.89 5.08 19.96
C VAL A 223 -15.73 4.51 19.15
N PHE A 224 -14.90 5.39 18.59
CA PHE A 224 -13.83 5.03 17.67
C PHE A 224 -12.43 4.86 18.32
N GLN A 225 -12.35 5.00 19.64
CA GLN A 225 -11.11 4.76 20.39
C GLN A 225 -10.78 3.28 20.33
N VAL A 226 -9.52 2.98 19.97
CA VAL A 226 -8.99 1.61 19.95
C VAL A 226 -7.59 1.61 20.60
N PRO A 227 -7.13 0.45 21.12
CA PRO A 227 -5.78 0.37 21.69
C PRO A 227 -4.73 0.78 20.66
N PRO A 228 -3.73 1.58 21.09
CA PRO A 228 -2.73 2.10 20.15
C PRO A 228 -1.98 1.01 19.38
N GLU A 229 -1.75 -0.13 20.03
CA GLU A 229 -1.04 -1.26 19.44
C GLU A 229 -1.79 -1.87 18.27
N SER A 230 -3.13 -1.84 18.30
CA SER A 230 -3.94 -2.28 17.14
C SER A 230 -3.69 -1.40 15.91
N VAL A 231 -3.62 -0.09 16.12
CA VAL A 231 -3.32 0.82 15.03
C VAL A 231 -1.91 0.50 14.49
N GLU A 232 -0.95 0.30 15.39
CA GLU A 232 0.43 0.00 14.99
C GLU A 232 0.53 -1.25 14.15
N ARG A 233 -0.11 -2.32 14.61
CA ARG A 233 -0.11 -3.59 13.90
CA ARG A 233 -0.09 -3.58 13.90
C ARG A 233 -0.68 -3.44 12.49
N SER A 234 -1.78 -2.71 12.39
CA SER A 234 -2.44 -2.44 11.09
C SER A 234 -1.70 -1.46 10.18
N ALA A 235 -1.12 -0.41 10.75
CA ALA A 235 -0.43 0.60 9.96
C ALA A 235 0.94 0.16 9.44
N GLY A 236 1.58 -0.78 10.14
CA GLY A 236 2.98 -1.11 9.85
C GLY A 236 3.94 -0.02 10.31
N LEU A 237 3.59 0.62 11.42
CA LEU A 237 4.36 1.76 11.95
C LEU A 237 4.32 1.71 13.45
N LEU A 238 5.30 2.32 14.09
CA LEU A 238 5.28 2.45 15.55
C LEU A 238 5.12 3.92 15.93
N PHE A 239 4.18 4.21 16.82
CA PHE A 239 3.88 5.60 17.20
C PHE A 239 4.41 5.90 18.59
N PHE A 240 5.06 7.05 18.74
CA PHE A 240 5.63 7.43 20.03
C PHE A 240 6.47 6.32 20.65
N ASP A 241 7.37 5.72 19.86
CA ASP A 241 8.16 4.56 20.32
C ASP A 241 9.16 4.91 21.42
N GLN A 242 9.40 6.21 21.60
CA GLN A 242 10.23 6.67 22.72
C GLN A 242 9.51 6.74 24.05
N ILE A 243 8.20 6.56 24.04
CA ILE A 243 7.47 6.43 25.29
C ILE A 243 7.20 4.95 25.52
N ASN A 244 7.74 4.43 26.60
CA ASN A 244 7.33 3.14 27.14
C ASN A 244 5.88 3.28 27.57
N ARG A 245 5.01 2.41 27.05
CA ARG A 245 3.57 2.48 27.39
C ARG A 245 3.23 2.32 28.86
N LYS A 246 4.17 1.81 29.66
CA LYS A 246 4.02 1.85 31.12
C LYS A 246 4.32 3.23 31.70
N GLN A 247 4.96 4.11 30.92
CA GLN A 247 5.23 5.51 31.33
C GLN A 247 3.99 6.41 31.21
N LEU A 248 3.00 5.97 30.43
CA LEU A 248 1.78 6.78 30.25
C LEU A 248 0.89 6.74 31.48
N THR A 249 0.20 7.84 31.74
CA THR A 249 -0.70 7.91 32.88
C THR A 249 -2.07 7.36 32.49
N THR A 250 -2.58 7.78 31.34
CA THR A 250 -3.83 7.24 30.80
C THR A 250 -3.69 6.89 29.31
N ILE A 251 -4.45 5.87 28.91
CA ILE A 251 -4.62 5.52 27.52
C ILE A 251 -6.12 5.47 27.25
N ASN A 252 -6.58 6.32 26.33
CA ASN A 252 -8.01 6.47 26.00
C ASN A 252 -8.92 6.69 27.23
N GLY A 253 -8.41 7.47 28.19
CA GLY A 253 -9.20 7.88 29.35
C GLY A 253 -9.06 6.98 30.55
N LYS A 254 -8.52 5.78 30.34
CA LYS A 254 -8.34 4.80 31.41
C LYS A 254 -6.93 4.85 32.00
N LYS A 255 -6.86 4.81 33.33
CA LYS A 255 -5.56 4.85 34.01
C LYS A 255 -4.72 3.64 33.63
N VAL A 256 -3.42 3.87 33.44
CA VAL A 256 -2.46 2.79 33.37
C VAL A 256 -2.05 2.60 34.83
N ALA A 257 -2.22 1.38 35.34
CA ALA A 257 -1.99 1.11 36.77
C ALA A 257 -1.64 -0.35 37.02
N SER B 11 33.02 -9.97 4.38
CA SER B 11 32.51 -11.11 3.56
C SER B 11 31.32 -11.85 4.20
N LEU B 12 31.50 -12.28 5.45
CA LEU B 12 30.51 -13.15 6.11
C LEU B 12 29.40 -12.39 6.85
N THR B 13 29.50 -11.05 6.84
CA THR B 13 28.48 -10.19 7.41
C THR B 13 28.19 -9.08 6.41
N ALA B 14 27.21 -8.22 6.72
CA ALA B 14 27.01 -6.99 5.95
C ALA B 14 28.28 -6.13 6.03
N THR B 15 28.79 -5.75 4.86
CA THR B 15 30.00 -4.93 4.79
CA THR B 15 30.02 -4.97 4.76
C THR B 15 29.73 -3.62 4.06
N PRO B 16 30.28 -2.50 4.60
CA PRO B 16 30.02 -1.19 3.98
C PRO B 16 30.38 -1.17 2.49
N SER B 17 31.54 -1.74 2.15
CA SER B 17 32.00 -1.81 0.76
CA SER B 17 32.00 -1.81 0.76
C SER B 17 31.04 -2.60 -0.13
N ARG B 18 30.47 -3.68 0.40
CA ARG B 18 29.57 -4.54 -0.36
C ARG B 18 28.18 -3.92 -0.57
N ILE B 19 27.62 -3.30 0.48
CA ILE B 19 26.37 -2.58 0.34
C ILE B 19 26.49 -1.51 -0.76
N GLY B 20 27.58 -0.73 -0.71
CA GLY B 20 27.87 0.27 -1.72
C GLY B 20 28.11 -0.31 -3.11
N GLN B 21 28.65 -1.53 -3.17
CA GLN B 21 28.75 -2.26 -4.43
C GLN B 21 27.36 -2.66 -4.96
N ILE B 22 26.56 -3.31 -4.11
CA ILE B 22 25.21 -3.74 -4.49
C ILE B 22 24.36 -2.54 -4.91
N MET B 23 24.41 -1.47 -4.11
CA MET B 23 23.57 -0.27 -4.33
C MET B 23 24.28 0.81 -5.15
N LYS B 24 25.16 0.39 -6.03
CA LYS B 24 25.89 1.26 -6.96
C LYS B 24 25.03 2.30 -7.69
N TYR B 25 23.86 1.87 -8.16
CA TYR B 25 23.01 2.72 -8.99
C TYR B 25 21.88 3.42 -8.24
N GLY B 26 21.93 3.37 -6.92
CA GLY B 26 20.96 4.11 -6.09
C GLY B 26 20.00 3.22 -5.36
N PHE B 27 19.26 3.81 -4.43
CA PHE B 27 18.23 3.12 -3.66
C PHE B 27 16.85 3.36 -4.24
N PRO B 28 16.10 2.28 -4.57
CA PRO B 28 14.70 2.48 -5.01
C PRO B 28 13.81 3.24 -3.99
N GLY B 29 14.08 3.05 -2.71
CA GLY B 29 13.32 3.71 -1.65
C GLY B 29 14.07 3.53 -0.35
N LEU B 30 13.58 4.16 0.72
CA LEU B 30 14.31 4.12 1.99
C LEU B 30 13.47 3.63 3.16
N ASP B 31 12.46 2.82 2.88
CA ASP B 31 11.62 2.28 3.94
C ASP B 31 12.30 1.04 4.56
N HIS B 32 12.71 1.17 5.82
CA HIS B 32 13.09 0.03 6.63
C HIS B 32 14.12 -0.84 5.88
N VAL B 33 15.23 -0.20 5.48
CA VAL B 33 16.24 -0.84 4.63
C VAL B 33 17.23 -1.63 5.48
N ARG B 34 17.38 -2.91 5.13
CA ARG B 34 18.23 -3.82 5.88
CA ARG B 34 18.22 -3.83 5.89
C ARG B 34 19.23 -4.51 4.97
N SER B 35 20.45 -4.71 5.47
CA SER B 35 21.51 -5.30 4.68
CA SER B 35 21.47 -5.33 4.66
C SER B 35 21.82 -6.71 5.18
N HIS B 36 21.93 -7.64 4.25
CA HIS B 36 22.47 -8.94 4.56
C HIS B 36 23.87 -9.00 3.95
N SER B 37 24.51 -10.16 4.04
CA SER B 37 25.85 -10.34 3.52
C SER B 37 25.99 -10.19 2.02
N ASP B 38 24.93 -10.47 1.26
CA ASP B 38 25.04 -10.46 -0.21
C ASP B 38 23.76 -9.97 -0.91
N TYR B 39 22.84 -9.41 -0.15
CA TYR B 39 21.70 -8.68 -0.74
C TYR B 39 21.22 -7.57 0.18
N VAL B 40 20.40 -6.68 -0.37
CA VAL B 40 19.83 -5.57 0.40
C VAL B 40 18.30 -5.70 0.35
N LEU B 41 17.65 -5.39 1.47
CA LEU B 41 16.21 -5.58 1.60
C LEU B 41 15.52 -4.35 2.19
N SER B 42 14.46 -3.89 1.54
CA SER B 42 13.57 -2.89 2.13
C SER B 42 12.31 -3.62 2.52
N TYR B 43 11.96 -3.56 3.81
CA TYR B 43 10.85 -4.37 4.35
C TYR B 43 9.58 -3.53 4.49
N ASP B 44 8.47 -4.08 3.99
CA ASP B 44 7.17 -3.42 4.10
C ASP B 44 6.46 -3.98 5.34
N ARG B 45 6.56 -3.24 6.46
CA ARG B 45 5.98 -3.66 7.74
C ARG B 45 4.44 -3.82 7.73
N ARG B 46 3.78 -3.04 6.88
CA ARG B 46 2.34 -3.08 6.73
C ARG B 46 1.89 -4.36 6.03
N ASN B 47 2.65 -4.79 5.04
CA ASN B 47 2.27 -5.93 4.21
C ASN B 47 2.95 -7.22 4.61
N ARG B 48 3.95 -7.10 5.47
CA ARG B 48 4.70 -8.25 6.01
C ARG B 48 5.49 -9.00 4.92
N VAL B 49 5.95 -8.26 3.90
CA VAL B 49 6.78 -8.75 2.78
C VAL B 49 7.77 -7.63 2.40
N PRO B 50 8.77 -7.91 1.54
CA PRO B 50 9.60 -6.77 1.12
C PRO B 50 8.85 -5.70 0.30
N HIS B 51 9.28 -4.45 0.39
CA HIS B 51 9.01 -3.52 -0.71
C HIS B 51 9.85 -3.95 -1.91
N TRP B 52 11.13 -4.23 -1.68
CA TRP B 52 12.07 -4.61 -2.74
C TRP B 52 13.29 -5.31 -2.14
N VAL B 53 13.99 -6.08 -2.97
CA VAL B 53 15.33 -6.50 -2.64
C VAL B 53 16.26 -6.09 -3.79
N PHE B 54 17.56 -5.99 -3.50
CA PHE B 54 18.53 -5.61 -4.50
C PHE B 54 19.73 -6.57 -4.48
N GLU B 55 20.19 -6.93 -5.66
CA GLU B 55 21.26 -7.92 -5.80
C GLU B 55 22.24 -7.47 -6.87
N HIS B 56 23.51 -7.81 -6.67
CA HIS B 56 24.52 -7.60 -7.67
C HIS B 56 25.16 -8.95 -7.93
N LEU B 57 24.90 -9.51 -9.11
CA LEU B 57 25.34 -10.85 -9.45
C LEU B 57 26.53 -10.83 -10.40
N THR B 58 27.44 -11.77 -10.15
CA THR B 58 28.51 -12.08 -11.06
C THR B 58 28.44 -13.58 -11.38
N ALA B 59 29.19 -14.01 -12.38
CA ALA B 59 29.32 -15.42 -12.73
C ALA B 59 29.81 -16.21 -11.51
N GLU B 60 30.74 -15.63 -10.75
CA GLU B 60 31.27 -16.30 -9.57
C GLU B 60 30.19 -16.51 -8.51
N SER B 61 29.36 -15.49 -8.28
CA SER B 61 28.42 -15.55 -7.17
C SER B 61 27.14 -16.37 -7.44
N VAL B 62 26.91 -16.77 -8.69
CA VAL B 62 25.74 -17.57 -9.05
C VAL B 62 26.19 -18.97 -9.47
N ALA B 63 27.50 -19.20 -9.45
CA ALA B 63 28.07 -20.48 -9.83
C ALA B 63 27.79 -21.54 -8.75
N LYS B 64 27.46 -22.75 -9.20
CA LYS B 64 27.24 -23.86 -8.28
C LYS B 64 28.50 -24.15 -7.49
N ASN B 65 28.34 -24.15 -6.17
CA ASN B 65 29.43 -24.28 -5.22
C ASN B 65 29.18 -25.51 -4.35
N ASP B 66 30.12 -26.45 -4.37
CA ASP B 66 30.05 -27.66 -3.55
CA ASP B 66 30.00 -27.66 -3.56
C ASP B 66 29.96 -27.31 -2.07
N ALA B 67 30.48 -26.13 -1.72
CA ALA B 67 30.48 -25.66 -0.32
C ALA B 67 29.16 -25.03 0.09
N VAL B 68 28.19 -24.98 -0.82
CA VAL B 68 26.86 -24.47 -0.49
C VAL B 68 25.83 -25.59 -0.60
N ASP B 69 25.31 -26.02 0.55
CA ASP B 69 24.27 -27.04 0.61
C ASP B 69 22.96 -26.36 0.99
N ARG B 70 22.09 -26.20 0.00
CA ARG B 70 20.80 -25.54 0.21
C ARG B 70 19.88 -26.36 1.11
N SER B 71 20.19 -27.64 1.29
CA SER B 71 19.40 -28.54 2.11
C SER B 71 19.56 -28.26 3.61
N LYS B 72 20.59 -27.49 3.96
CA LYS B 72 20.80 -27.09 5.35
C LYS B 72 19.99 -25.85 5.72
N CYS B 73 19.26 -25.31 4.74
CA CYS B 73 18.51 -24.05 4.91
C CYS B 73 17.02 -24.24 5.15
N ASP B 74 16.52 -23.55 6.16
CA ASP B 74 15.09 -23.60 6.51
C ASP B 74 14.49 -22.21 6.61
N PHE B 75 13.19 -22.13 6.34
CA PHE B 75 12.44 -20.89 6.42
C PHE B 75 12.27 -20.52 7.89
N LYS B 76 12.69 -19.31 8.24
CA LYS B 76 12.71 -18.89 9.65
C LYS B 76 12.31 -17.44 9.83
N GLN B 77 11.68 -17.14 10.96
CA GLN B 77 11.31 -15.75 11.31
C GLN B 77 12.56 -14.87 11.42
N ASP B 78 12.40 -13.62 11.01
CA ASP B 78 13.47 -12.62 11.12
C ASP B 78 13.31 -11.83 12.43
N GLU B 79 14.23 -12.08 13.36
CA GLU B 79 14.15 -11.53 14.72
CA GLU B 79 14.13 -11.53 14.70
C GLU B 79 14.62 -10.09 14.78
N SER B 80 15.20 -9.60 13.69
CA SER B 80 15.54 -8.19 13.65
C SER B 80 14.33 -7.32 13.28
N ILE B 81 13.20 -7.96 12.94
CA ILE B 81 11.92 -7.24 12.69
C ILE B 81 11.08 -7.24 13.98
N HIS B 82 10.47 -6.10 14.31
CA HIS B 82 9.58 -5.98 15.48
C HIS B 82 8.49 -7.06 15.37
N PRO B 83 8.17 -7.76 16.48
CA PRO B 83 7.18 -8.86 16.46
C PRO B 83 5.83 -8.53 15.81
N PHE B 84 5.41 -7.27 15.82
CA PHE B 84 4.12 -6.87 15.23
C PHE B 84 4.13 -7.05 13.74
N PHE B 85 5.31 -6.98 13.12
CA PHE B 85 5.38 -6.92 11.65
C PHE B 85 6.08 -8.11 11.00
N ARG B 86 6.35 -9.16 11.78
CA ARG B 86 6.98 -10.37 11.28
C ARG B 86 6.02 -11.33 10.65
N SER B 87 6.31 -11.82 9.45
CA SER B 87 5.64 -13.01 8.97
C SER B 87 6.21 -14.25 9.67
N GLN B 88 5.34 -15.26 9.83
CA GLN B 88 5.69 -16.50 10.48
C GLN B 88 5.32 -17.67 9.58
N ASN B 89 5.99 -18.80 9.77
CA ASN B 89 5.62 -20.03 9.07
C ASN B 89 4.13 -20.38 9.22
N THR B 90 3.56 -20.12 10.41
CA THR B 90 2.12 -20.29 10.64
C THR B 90 1.22 -19.55 9.65
N ASP B 91 1.67 -18.39 9.18
CA ASP B 91 0.90 -17.58 8.21
C ASP B 91 0.76 -18.23 6.83
N TYR B 92 1.80 -18.96 6.43
CA TYR B 92 1.90 -19.57 5.10
C TYR B 92 1.39 -20.99 5.05
N ARG B 93 1.39 -21.68 6.20
CA ARG B 93 0.99 -23.08 6.29
C ARG B 93 -0.44 -23.25 5.83
N ARG B 94 -0.60 -24.09 4.81
CA ARG B 94 -1.90 -24.43 4.23
C ARG B 94 -2.69 -23.21 3.75
N SER B 95 -1.96 -22.21 3.31
CA SER B 95 -2.53 -20.96 2.79
C SER B 95 -2.88 -21.07 1.31
N GLY B 96 -2.28 -22.05 0.64
CA GLY B 96 -2.40 -22.20 -0.80
C GLY B 96 -1.29 -21.44 -1.51
N TYR B 97 -0.29 -20.99 -0.75
CA TYR B 97 0.81 -20.20 -1.29
C TYR B 97 2.18 -20.69 -0.82
N ASP B 98 3.18 -20.51 -1.67
CA ASP B 98 4.53 -20.87 -1.34
C ASP B 98 5.15 -19.69 -0.59
N ARG B 99 6.14 -19.95 0.26
CA ARG B 99 7.04 -18.90 0.73
C ARG B 99 8.02 -18.61 -0.39
N GLY B 100 7.78 -17.52 -1.11
CA GLY B 100 8.54 -17.25 -2.34
C GLY B 100 9.66 -16.25 -2.13
N HIS B 101 10.90 -16.71 -2.37
CA HIS B 101 12.08 -15.85 -2.25
C HIS B 101 11.94 -14.64 -3.18
N MET B 102 12.21 -13.45 -2.64
CA MET B 102 12.49 -12.30 -3.50
C MET B 102 13.94 -12.34 -4.00
N ALA B 103 14.91 -12.36 -3.09
CA ALA B 103 16.30 -12.64 -3.43
C ALA B 103 16.44 -14.16 -3.41
N ALA B 104 16.58 -14.77 -4.59
CA ALA B 104 16.63 -16.23 -4.74
C ALA B 104 17.88 -16.84 -4.11
N ALA B 105 17.71 -18.02 -3.54
CA ALA B 105 18.80 -18.71 -2.86
C ALA B 105 19.97 -19.04 -3.81
N GLY B 106 19.62 -19.27 -5.08
CA GLY B 106 20.58 -19.60 -6.14
C GLY B 106 21.42 -18.44 -6.64
N ASN B 107 21.07 -17.22 -6.24
CA ASN B 107 21.83 -16.03 -6.63
C ASN B 107 22.98 -15.79 -5.64
N HIS B 108 23.09 -16.63 -4.62
CA HIS B 108 24.00 -16.35 -3.50
C HIS B 108 24.75 -17.56 -3.03
N ARG B 109 25.77 -17.92 -3.80
CA ARG B 109 26.47 -19.18 -3.60
C ARG B 109 27.94 -19.03 -3.27
N LEU B 110 28.37 -17.82 -2.93
CA LEU B 110 29.74 -17.60 -2.49
C LEU B 110 30.03 -18.32 -1.17
N HIS B 111 29.02 -18.37 -0.30
CA HIS B 111 29.18 -18.99 1.02
C HIS B 111 27.83 -19.48 1.53
N GLN B 112 27.87 -20.52 2.35
CA GLN B 112 26.68 -21.09 3.00
C GLN B 112 25.77 -20.03 3.61
N LYS B 113 26.35 -19.14 4.42
CA LYS B 113 25.60 -18.11 5.14
C LYS B 113 24.90 -17.10 4.21
N HIS B 114 25.51 -16.82 3.06
CA HIS B 114 24.92 -15.93 2.05
C HIS B 114 23.57 -16.49 1.59
N CYS B 115 23.56 -17.80 1.38
CA CYS B 115 22.39 -18.57 0.97
C CYS B 115 21.39 -18.69 2.13
N ASP B 116 21.91 -19.06 3.31
CA ASP B 116 21.09 -19.15 4.54
CA ASP B 116 21.07 -19.18 4.51
C ASP B 116 20.25 -17.91 4.76
N GLU B 117 20.88 -16.75 4.57
CA GLU B 117 20.20 -15.48 4.80
C GLU B 117 19.01 -15.19 3.85
N THR B 118 18.95 -15.87 2.70
CA THR B 118 17.78 -15.70 1.82
C THR B 118 16.55 -16.44 2.36
N PHE B 119 16.74 -17.27 3.39
CA PHE B 119 15.61 -18.01 3.95
C PHE B 119 14.87 -17.34 5.12
N TYR B 120 15.26 -16.11 5.46
CA TYR B 120 14.48 -15.34 6.42
C TYR B 120 13.13 -15.04 5.80
N LEU B 121 12.06 -15.22 6.58
CA LEU B 121 10.72 -14.93 6.12
C LEU B 121 10.49 -13.46 5.71
N SER B 122 11.39 -12.57 6.13
CA SER B 122 11.32 -11.19 5.65
C SER B 122 11.72 -11.04 4.19
N ASN B 123 12.35 -12.08 3.63
CA ASN B 123 12.71 -12.11 2.21
C ASN B 123 11.63 -12.81 1.38
N MET B 124 10.52 -13.18 2.05
CA MET B 124 9.47 -13.97 1.41
C MET B 124 8.21 -13.19 1.10
N ALA B 125 7.53 -13.58 0.04
CA ALA B 125 6.16 -13.15 -0.23
C ALA B 125 5.36 -14.34 -0.73
N PRO B 126 4.05 -14.36 -0.42
CA PRO B 126 3.20 -15.45 -0.90
C PRO B 126 3.16 -15.49 -2.41
N GLN B 127 3.57 -16.62 -2.96
CA GLN B 127 3.53 -16.84 -4.39
C GLN B 127 2.81 -18.15 -4.66
N VAL B 128 2.01 -18.17 -5.72
CA VAL B 128 1.50 -19.41 -6.32
C VAL B 128 2.69 -20.36 -6.56
N GLY B 129 2.51 -21.63 -6.19
CA GLY B 129 3.58 -22.60 -6.28
C GLY B 129 3.80 -23.17 -7.67
N GLN B 130 3.12 -24.28 -7.94
CA GLN B 130 3.05 -24.88 -9.27
C GLN B 130 2.52 -23.86 -10.25
N GLY B 131 3.26 -23.67 -11.34
CA GLY B 131 2.89 -22.70 -12.36
C GLY B 131 3.36 -21.28 -12.12
N PHE B 132 4.17 -21.06 -11.08
CA PHE B 132 4.75 -19.73 -10.85
C PHE B 132 6.08 -19.81 -10.07
N ASN B 133 6.04 -19.74 -8.74
CA ASN B 133 7.26 -19.86 -7.92
C ASN B 133 8.16 -20.99 -8.41
N ARG B 134 7.56 -22.17 -8.61
CA ARG B 134 8.32 -23.37 -8.94
C ARG B 134 8.60 -23.52 -10.43
N ASP B 135 7.96 -22.69 -11.25
CA ASP B 135 8.07 -22.81 -12.69
C ASP B 135 8.43 -21.47 -13.36
N ALA B 136 7.44 -20.81 -13.95
CA ALA B 136 7.62 -19.53 -14.64
C ALA B 136 8.52 -18.51 -13.92
N TRP B 137 8.28 -18.27 -12.64
CA TRP B 137 9.11 -17.32 -11.89
C TRP B 137 10.56 -17.81 -11.75
N ASN B 138 10.73 -19.10 -11.50
CA ASN B 138 12.07 -19.70 -11.51
C ASN B 138 12.77 -19.52 -12.86
N THR B 139 12.01 -19.64 -13.95
CA THR B 139 12.56 -19.46 -15.30
C THR B 139 13.18 -18.06 -15.46
N LEU B 140 12.50 -17.05 -14.92
CA LEU B 140 13.01 -15.69 -14.94
C LEU B 140 14.26 -15.58 -14.09
N GLU B 141 14.21 -16.12 -12.87
CA GLU B 141 15.38 -16.20 -12.01
C GLU B 141 16.58 -16.86 -12.71
N ALA B 142 16.35 -18.00 -13.33
CA ALA B 142 17.40 -18.70 -14.09
C ALA B 142 17.97 -17.87 -15.26
N HIS B 143 17.12 -17.10 -15.91
CA HIS B 143 17.52 -16.21 -17.01
C HIS B 143 18.44 -15.09 -16.53
N VAL B 144 18.10 -14.48 -15.41
CA VAL B 144 18.91 -13.42 -14.78
C VAL B 144 20.30 -13.95 -14.39
N ARG B 145 20.36 -15.18 -13.86
CA ARG B 145 21.66 -15.82 -13.59
C ARG B 145 22.47 -16.09 -14.86
N ARG B 146 21.79 -16.51 -15.93
CA ARG B 146 22.46 -16.79 -17.21
C ARG B 146 22.95 -15.50 -17.89
N LEU B 147 22.32 -14.37 -17.56
CA LEU B 147 22.79 -13.06 -18.05
C LEU B 147 24.23 -12.75 -17.66
N THR B 148 24.73 -13.37 -16.58
CA THR B 148 26.12 -13.20 -16.19
C THR B 148 27.11 -13.72 -17.22
N LYS B 149 26.65 -14.60 -18.11
CA LYS B 149 27.47 -15.08 -19.23
C LYS B 149 27.54 -14.06 -20.38
N THR B 150 26.72 -13.03 -20.31
CA THR B 150 26.71 -11.96 -21.31
C THR B 150 27.29 -10.67 -20.71
N TYR B 151 26.90 -10.40 -19.47
CA TYR B 151 27.36 -9.22 -18.74
C TYR B 151 28.14 -9.63 -17.49
N SER B 152 29.33 -9.07 -17.35
CA SER B 152 30.20 -9.38 -16.23
CA SER B 152 30.19 -9.43 -16.23
C SER B 152 29.55 -9.08 -14.87
N ASN B 153 28.68 -8.07 -14.85
CA ASN B 153 28.00 -7.66 -13.64
C ASN B 153 26.55 -7.44 -13.97
N VAL B 154 25.68 -8.07 -13.18
CA VAL B 154 24.23 -7.95 -13.39
C VAL B 154 23.59 -7.43 -12.10
N TYR B 155 22.92 -6.27 -12.20
CA TYR B 155 22.27 -5.69 -11.02
C TYR B 155 20.77 -5.88 -11.16
N VAL B 156 20.12 -6.31 -10.09
CA VAL B 156 18.71 -6.64 -10.17
C VAL B 156 17.91 -6.26 -8.93
N CYS B 157 16.79 -5.59 -9.16
CA CYS B 157 15.81 -5.27 -8.16
C CYS B 157 14.54 -6.07 -8.39
N THR B 158 14.09 -6.74 -7.34
CA THR B 158 12.94 -7.65 -7.39
C THR B 158 11.97 -7.18 -6.33
N GLY B 159 10.67 -7.19 -6.62
CA GLY B 159 9.67 -6.76 -5.63
C GLY B 159 8.22 -7.04 -6.03
N PRO B 160 7.29 -6.86 -5.08
CA PRO B 160 5.86 -7.04 -5.29
C PRO B 160 5.14 -5.80 -5.84
N LEU B 161 4.02 -6.05 -6.49
CA LEU B 161 3.10 -5.01 -6.95
C LEU B 161 1.70 -5.43 -6.54
N TYR B 162 0.82 -4.42 -6.44
CA TYR B 162 -0.57 -4.62 -6.05
C TYR B 162 -1.37 -3.77 -7.02
N LEU B 163 -1.71 -4.34 -8.17
CA LEU B 163 -2.23 -3.59 -9.33
C LEU B 163 -3.75 -3.57 -9.37
N PRO B 164 -4.34 -2.44 -9.75
CA PRO B 164 -5.80 -2.26 -9.83
C PRO B 164 -6.44 -3.03 -10.94
N HIS B 165 -7.75 -3.26 -10.83
CA HIS B 165 -8.54 -3.81 -11.90
C HIS B 165 -9.85 -3.01 -11.92
N LYS B 166 -10.55 -3.07 -13.03
CA LYS B 166 -11.86 -2.42 -13.14
C LYS B 166 -12.96 -3.34 -12.63
N GLU B 167 -14.00 -2.76 -12.05
CA GLU B 167 -15.17 -3.52 -11.62
C GLU B 167 -16.45 -3.07 -12.33
N ASP B 168 -17.56 -3.79 -12.08
CA ASP B 168 -18.86 -3.57 -12.74
C ASP B 168 -19.41 -2.16 -12.58
N ASP B 169 -19.02 -1.47 -11.51
CA ASP B 169 -19.41 -0.08 -11.29
C ASP B 169 -18.62 0.92 -12.14
N GLY B 170 -17.66 0.42 -12.92
CA GLY B 170 -16.79 1.29 -13.73
C GLY B 170 -15.63 1.90 -12.95
N LYS B 171 -15.56 1.64 -11.65
CA LYS B 171 -14.47 2.16 -10.84
CA LYS B 171 -14.48 2.15 -10.81
C LYS B 171 -13.32 1.15 -10.80
N SER B 172 -12.12 1.62 -10.41
CA SER B 172 -10.93 0.78 -10.30
C SER B 172 -10.62 0.52 -8.84
N TYR B 173 -10.14 -0.68 -8.56
CA TYR B 173 -9.89 -1.14 -7.19
C TYR B 173 -8.62 -1.96 -7.15
N VAL B 174 -7.86 -1.80 -6.09
CA VAL B 174 -6.81 -2.75 -5.77
C VAL B 174 -7.41 -3.76 -4.79
N LYS B 175 -7.28 -5.05 -5.09
CA LYS B 175 -7.70 -6.06 -4.12
C LYS B 175 -6.69 -7.20 -3.98
N TYR B 176 -6.37 -7.59 -2.75
CA TYR B 176 -5.47 -8.73 -2.55
C TYR B 176 -5.77 -9.45 -1.26
N GLU B 177 -5.55 -10.77 -1.28
CA GLU B 177 -5.72 -11.62 -0.13
C GLU B 177 -4.61 -11.31 0.84
N VAL B 178 -4.95 -11.41 2.13
CA VAL B 178 -3.95 -11.36 3.19
C VAL B 178 -4.10 -12.68 3.96
N ILE B 179 -2.97 -13.33 4.23
CA ILE B 179 -3.01 -14.66 4.85
C ILE B 179 -2.50 -14.70 6.30
N GLY B 180 -3.12 -15.55 7.10
CA GLY B 180 -2.68 -15.82 8.47
C GLY B 180 -3.04 -14.72 9.45
N ALA B 181 -2.83 -15.02 10.73
CA ALA B 181 -3.04 -14.04 11.81
C ALA B 181 -2.22 -12.78 11.60
N ASN B 182 -1.07 -12.89 10.95
CA ASN B 182 -0.25 -11.70 10.71
C ASN B 182 -0.61 -10.96 9.43
N THR B 183 -1.70 -11.38 8.79
CA THR B 183 -2.19 -10.73 7.57
C THR B 183 -1.08 -10.42 6.57
N VAL B 184 -0.40 -11.47 6.12
CA VAL B 184 0.66 -11.31 5.12
C VAL B 184 0.00 -11.08 3.75
N ALA B 185 0.37 -9.97 3.09
CA ALA B 185 -0.23 -9.62 1.81
C ALA B 185 0.17 -10.58 0.68
N VAL B 186 -0.79 -10.91 -0.17
CA VAL B 186 -0.52 -11.70 -1.37
C VAL B 186 -0.49 -10.74 -2.56
N PRO B 187 0.71 -10.43 -3.05
CA PRO B 187 0.84 -9.49 -4.17
C PRO B 187 0.16 -9.98 -5.45
N THR B 188 -0.32 -9.04 -6.26
CA THR B 188 -1.02 -9.38 -7.50
C THR B 188 0.01 -9.78 -8.58
N HIS B 189 1.21 -9.20 -8.48
CA HIS B 189 2.26 -9.32 -9.51
C HIS B 189 3.62 -9.15 -8.84
N PHE B 190 4.68 -9.53 -9.54
CA PHE B 190 6.05 -9.26 -9.11
C PHE B 190 6.85 -8.71 -10.30
N TYR B 191 7.90 -7.94 -10.04
CA TYR B 191 8.74 -7.42 -11.12
C TYR B 191 10.20 -7.79 -10.87
N LYS B 192 10.98 -7.75 -11.95
CA LYS B 192 12.44 -7.68 -11.86
C LYS B 192 12.88 -6.59 -12.81
N VAL B 193 13.69 -5.66 -12.30
CA VAL B 193 14.26 -4.62 -13.13
C VAL B 193 15.78 -4.79 -13.05
N ILE B 194 16.40 -4.92 -14.21
CA ILE B 194 17.76 -5.48 -14.35
C ILE B 194 18.67 -4.59 -15.21
N VAL B 195 19.90 -4.36 -14.78
CA VAL B 195 20.88 -3.68 -15.61
C VAL B 195 22.14 -4.52 -15.71
N GLY B 196 22.53 -4.83 -16.95
CA GLY B 196 23.80 -5.52 -17.20
C GLY B 196 24.84 -4.55 -17.72
N GLU B 197 26.07 -4.73 -17.28
CA GLU B 197 27.22 -3.95 -17.75
C GLU B 197 28.02 -4.81 -18.70
N SER B 198 28.14 -4.41 -19.96
CA SER B 198 28.92 -5.15 -20.94
CA SER B 198 28.93 -5.17 -20.93
C SER B 198 30.42 -4.89 -20.76
N ALA B 199 31.23 -5.51 -21.60
CA ALA B 199 32.69 -5.39 -21.56
C ALA B 199 33.12 -3.96 -21.80
N ASP B 200 32.63 -3.37 -22.90
CA ASP B 200 32.73 -1.92 -23.10
C ASP B 200 31.85 -1.27 -22.05
N HIS B 201 31.77 0.05 -22.02
CA HIS B 201 31.08 0.68 -20.88
C HIS B 201 29.55 0.76 -21.02
N LYS B 202 29.00 -0.05 -21.91
CA LYS B 202 27.57 0.01 -22.23
C LYS B 202 26.69 -0.59 -21.15
N LEU B 203 25.52 0.02 -20.97
CA LEU B 203 24.58 -0.45 -19.99
C LEU B 203 23.31 -0.92 -20.69
N HIS B 204 22.80 -2.08 -20.28
CA HIS B 204 21.60 -2.67 -20.89
C HIS B 204 20.58 -2.98 -19.82
N MET B 205 19.37 -2.49 -20.00
CA MET B 205 18.29 -2.73 -19.03
C MET B 205 17.23 -3.71 -19.53
N GLU B 206 16.76 -4.57 -18.63
CA GLU B 206 15.59 -5.41 -18.87
C GLU B 206 14.62 -5.23 -17.72
N SER B 207 13.32 -5.29 -18.00
CA SER B 207 12.34 -5.26 -16.91
C SER B 207 11.12 -6.09 -17.26
N TYR B 208 10.65 -6.84 -16.26
CA TYR B 208 9.59 -7.82 -16.41
C TYR B 208 8.57 -7.61 -15.31
N VAL B 209 7.29 -7.84 -15.62
CA VAL B 209 6.22 -7.91 -14.62
C VAL B 209 5.45 -9.19 -14.87
N MET B 210 5.39 -10.07 -13.88
CA MET B 210 4.65 -11.34 -14.05
C MET B 210 3.55 -11.43 -13.01
N PRO B 211 2.36 -11.89 -13.41
CA PRO B 211 1.26 -11.96 -12.46
C PRO B 211 1.47 -13.13 -11.49
N ASN B 212 1.06 -12.94 -10.25
CA ASN B 212 1.16 -13.96 -9.21
C ASN B 212 0.01 -14.96 -9.40
N GLN B 213 0.10 -15.77 -10.45
CA GLN B 213 -0.92 -16.77 -10.74
C GLN B 213 -0.29 -17.91 -11.50
N VAL B 214 -1.06 -18.99 -11.71
CA VAL B 214 -0.59 -20.07 -12.57
C VAL B 214 -0.35 -19.56 -14.00
N ILE B 215 0.91 -19.65 -14.43
CA ILE B 215 1.30 -19.33 -15.80
C ILE B 215 1.66 -20.62 -16.52
N SER B 216 1.21 -20.73 -17.77
CA SER B 216 1.59 -21.86 -18.62
C SER B 216 3.11 -22.06 -18.72
N ASN B 217 3.54 -23.31 -18.70
CA ASN B 217 4.98 -23.65 -18.81
C ASN B 217 5.58 -23.37 -20.19
N ASP B 218 4.74 -23.21 -21.21
CA ASP B 218 5.26 -22.90 -22.53
C ASP B 218 5.35 -21.41 -22.82
N THR B 219 4.93 -20.58 -21.86
CA THR B 219 4.96 -19.13 -22.02
C THR B 219 6.38 -18.58 -21.86
N PRO B 220 6.93 -17.96 -22.92
CA PRO B 220 8.28 -17.42 -22.80
C PRO B 220 8.26 -16.17 -21.92
N ILE B 221 9.34 -15.95 -21.17
CA ILE B 221 9.39 -14.82 -20.25
C ILE B 221 9.39 -13.48 -20.97
N SER B 222 9.79 -13.50 -22.24
CA SER B 222 9.82 -12.31 -23.10
C SER B 222 8.46 -11.60 -23.19
N VAL B 223 7.38 -12.37 -23.10
CA VAL B 223 6.04 -11.80 -23.15
CA VAL B 223 6.00 -11.88 -23.11
C VAL B 223 5.71 -10.93 -21.93
N PHE B 224 6.50 -11.08 -20.87
CA PHE B 224 6.28 -10.33 -19.64
C PHE B 224 7.11 -9.06 -19.53
N GLN B 225 7.81 -8.73 -20.61
CA GLN B 225 8.61 -7.50 -20.66
C GLN B 225 7.70 -6.26 -20.69
N VAL B 226 8.03 -5.28 -19.85
CA VAL B 226 7.27 -4.04 -19.69
CA VAL B 226 7.28 -4.03 -19.79
C VAL B 226 8.26 -2.86 -19.64
N PRO B 227 7.87 -1.67 -20.16
CA PRO B 227 8.73 -0.50 -19.96
C PRO B 227 9.00 -0.25 -18.48
N PRO B 228 10.28 0.00 -18.10
CA PRO B 228 10.65 0.19 -16.69
C PRO B 228 9.87 1.29 -15.99
N GLU B 229 9.50 2.34 -16.72
CA GLU B 229 8.75 3.47 -16.19
CA GLU B 229 8.77 3.47 -16.15
C GLU B 229 7.36 3.05 -15.73
N SER B 230 6.78 2.07 -16.40
CA SER B 230 5.49 1.57 -15.96
C SER B 230 5.61 0.75 -14.67
N VAL B 231 6.74 0.05 -14.49
CA VAL B 231 7.02 -0.61 -13.19
C VAL B 231 7.20 0.44 -12.08
N GLU B 232 7.97 1.50 -12.39
CA GLU B 232 8.20 2.59 -11.46
C GLU B 232 6.91 3.27 -11.03
N ARG B 233 6.06 3.56 -11.98
CA ARG B 233 4.80 4.21 -11.70
C ARG B 233 3.91 3.33 -10.81
N SER B 234 3.86 2.03 -11.12
CA SER B 234 3.07 1.08 -10.30
C SER B 234 3.67 0.81 -8.93
N ALA B 235 5.00 0.79 -8.82
CA ALA B 235 5.62 0.40 -7.53
C ALA B 235 5.77 1.54 -6.55
N GLY B 236 5.75 2.77 -7.04
CA GLY B 236 6.06 3.91 -6.18
C GLY B 236 7.55 3.91 -5.85
N LEU B 237 8.37 3.50 -6.80
CA LEU B 237 9.82 3.42 -6.61
C LEU B 237 10.52 3.89 -7.86
N LEU B 238 11.75 4.38 -7.73
CA LEU B 238 12.57 4.67 -8.90
C LEU B 238 13.80 3.76 -8.93
N PHE B 239 13.97 3.03 -10.03
CA PHE B 239 15.05 2.05 -10.17
C PHE B 239 16.22 2.65 -10.93
N PHE B 240 17.43 2.30 -10.49
CA PHE B 240 18.64 2.74 -11.15
C PHE B 240 18.63 4.26 -11.39
N ASP B 241 18.24 4.99 -10.35
CA ASP B 241 18.13 6.46 -10.38
C ASP B 241 19.44 7.19 -10.73
N GLN B 242 20.58 6.53 -10.50
CA GLN B 242 21.88 7.10 -10.90
C GLN B 242 22.16 7.01 -12.41
N ILE B 243 21.40 6.19 -13.13
CA ILE B 243 21.49 6.10 -14.59
C ILE B 243 20.43 6.96 -15.27
N ASN B 244 20.87 7.91 -16.10
CA ASN B 244 19.98 8.61 -17.03
C ASN B 244 19.59 7.59 -18.12
N ARG B 245 18.28 7.43 -18.35
CA ARG B 245 17.76 6.43 -19.29
C ARG B 245 18.20 6.71 -20.73
N LYS B 246 18.60 7.95 -20.99
CA LYS B 246 19.12 8.34 -22.29
C LYS B 246 20.53 7.83 -22.53
N GLN B 247 21.15 7.30 -21.47
CA GLN B 247 22.50 6.73 -21.59
C GLN B 247 22.53 5.19 -21.54
N LEU B 248 21.36 4.57 -21.50
CA LEU B 248 21.28 3.13 -21.67
C LEU B 248 21.54 2.83 -23.15
N THR B 249 22.00 1.62 -23.43
CA THR B 249 22.22 1.23 -24.82
C THR B 249 20.99 0.52 -25.36
N THR B 250 20.46 -0.40 -24.56
CA THR B 250 19.21 -1.07 -24.90
C THR B 250 18.30 -1.18 -23.69
N ILE B 251 17.00 -1.25 -23.96
CA ILE B 251 15.99 -1.51 -22.96
C ILE B 251 15.12 -2.61 -23.53
N ASN B 252 15.04 -3.72 -22.80
CA ASN B 252 14.35 -4.92 -23.27
C ASN B 252 14.72 -5.28 -24.71
N GLY B 253 16.02 -5.28 -24.99
CA GLY B 253 16.52 -5.66 -26.30
C GLY B 253 16.32 -4.65 -27.41
N LYS B 254 15.94 -3.42 -27.06
CA LYS B 254 15.61 -2.40 -28.04
C LYS B 254 16.55 -1.21 -27.90
N LYS B 255 17.18 -0.81 -29.00
CA LYS B 255 18.18 0.27 -29.01
C LYS B 255 17.64 1.62 -28.56
N VAL B 256 18.37 2.29 -27.65
CA VAL B 256 18.04 3.64 -27.24
C VAL B 256 18.73 4.65 -28.18
N ALA B 257 18.04 5.76 -28.44
CA ALA B 257 18.56 6.84 -29.28
C ALA B 257 19.86 7.42 -28.73
N ALA C 21 -9.44 30.98 -30.27
CA ALA C 21 -8.11 31.53 -29.90
C ALA C 21 -7.71 31.13 -28.46
N GLN C 22 -6.41 31.19 -28.19
CA GLN C 22 -5.83 30.79 -26.90
C GLN C 22 -6.39 31.62 -25.74
N ASN C 23 -6.43 32.93 -25.93
CA ASN C 23 -6.86 33.84 -24.88
C ASN C 23 -8.31 34.35 -25.05
N ASP C 24 -9.12 33.57 -25.78
CA ASP C 24 -10.56 33.85 -25.92
C ASP C 24 -11.40 32.79 -25.21
N TYR C 25 -12.30 33.23 -24.37
CA TYR C 25 -13.18 32.33 -23.64
C TYR C 25 -14.62 32.67 -24.00
N THR C 26 -14.98 32.33 -25.22
CA THR C 26 -16.27 32.68 -25.77
C THR C 26 -17.37 31.72 -25.32
N ILE C 27 -18.39 32.27 -24.68
CA ILE C 27 -19.59 31.52 -24.38
C ILE C 27 -20.76 32.17 -25.10
N GLY C 28 -21.24 31.52 -26.17
CA GLY C 28 -22.36 32.04 -26.95
C GLY C 28 -23.70 31.83 -26.24
N LEU C 29 -24.70 32.61 -26.66
CA LEU C 29 -26.04 32.50 -26.09
C LEU C 29 -26.87 31.38 -26.74
N VAL C 30 -26.31 30.70 -27.73
CA VAL C 30 -27.02 29.65 -28.46
C VAL C 30 -27.06 28.35 -27.64
N ASP C 31 -25.89 27.82 -27.28
CA ASP C 31 -25.79 26.69 -26.34
C ASP C 31 -24.74 26.98 -25.27
N PRO C 32 -25.08 27.84 -24.29
CA PRO C 32 -24.12 28.37 -23.31
C PRO C 32 -23.44 27.30 -22.49
N VAL C 33 -24.22 26.34 -22.00
CA VAL C 33 -23.71 25.28 -21.14
C VAL C 33 -22.67 24.46 -21.91
N LYS C 34 -22.95 24.14 -23.16
CA LYS C 34 -21.99 23.38 -24.01
C LYS C 34 -20.68 24.13 -24.25
N ASP C 35 -20.77 25.40 -24.64
CA ASP C 35 -19.58 26.26 -24.78
C ASP C 35 -18.77 26.31 -23.47
N TYR C 36 -19.49 26.42 -22.35
CA TYR C 36 -18.87 26.47 -21.02
C TYR C 36 -18.15 25.16 -20.71
N GLN C 37 -18.83 24.04 -20.91
CA GLN C 37 -18.27 22.70 -20.69
C GLN C 37 -17.04 22.41 -21.55
N LYS C 38 -16.98 22.98 -22.75
CA LYS C 38 -15.86 22.70 -23.66
C LYS C 38 -14.62 23.41 -23.17
N LEU C 39 -14.79 24.63 -22.67
CA LEU C 39 -13.69 25.40 -22.09
C LEU C 39 -13.10 24.72 -20.84
N ILE C 40 -13.97 24.29 -19.92
CA ILE C 40 -13.53 23.50 -18.75
C ILE C 40 -12.78 22.24 -19.18
N GLU C 41 -13.37 21.50 -20.12
CA GLU C 41 -12.85 20.21 -20.53
C GLU C 41 -11.46 20.31 -21.16
N THR C 42 -11.25 21.37 -21.94
CA THR C 42 -9.99 21.56 -22.66
C THR C 42 -8.94 22.42 -21.91
N ARG C 43 -9.39 23.38 -21.10
CA ARG C 43 -8.47 24.36 -20.49
C ARG C 43 -8.27 24.18 -18.99
N VAL C 44 -9.17 23.43 -18.36
CA VAL C 44 -9.10 23.26 -16.91
C VAL C 44 -8.85 21.80 -16.51
N GLN C 45 -9.71 20.91 -17.00
CA GLN C 45 -9.56 19.47 -16.76
C GLN C 45 -8.55 18.84 -17.71
N VAL C 46 -7.28 19.22 -17.57
CA VAL C 46 -6.25 18.67 -18.43
C VAL C 46 -5.54 17.54 -17.71
N ASP C 47 -5.61 16.34 -18.28
CA ASP C 47 -4.94 15.17 -17.70
C ASP C 47 -3.45 15.12 -18.08
N GLU C 48 -2.87 16.28 -18.30
CA GLU C 48 -1.44 16.42 -18.47
C GLU C 48 -0.96 17.35 -17.36
N ILE C 49 0.29 17.20 -16.93
CA ILE C 49 0.82 18.01 -15.84
C ILE C 49 1.05 19.46 -16.28
N VAL C 50 0.34 20.36 -15.59
CA VAL C 50 0.32 21.79 -15.89
C VAL C 50 0.52 22.56 -14.57
N ASP C 51 1.26 23.67 -14.64
CA ASP C 51 1.36 24.61 -13.53
C ASP C 51 -0.05 24.95 -12.99
N ASP C 52 -0.23 24.82 -11.67
CA ASP C 52 -1.51 25.12 -11.04
CA ASP C 52 -1.46 25.15 -10.96
C ASP C 52 -1.92 26.58 -11.24
N ASP C 53 -0.94 27.48 -11.33
CA ASP C 53 -1.17 28.89 -11.63
C ASP C 53 -1.92 29.07 -12.97
N VAL C 54 -1.53 28.30 -13.98
CA VAL C 54 -2.15 28.34 -15.31
C VAL C 54 -3.58 27.84 -15.23
N THR C 55 -3.77 26.71 -14.56
CA THR C 55 -5.08 26.08 -14.42
C THR C 55 -6.03 27.01 -13.67
N LYS C 56 -5.55 27.58 -12.58
CA LYS C 56 -6.36 28.55 -11.82
C LYS C 56 -6.81 29.74 -12.68
N GLU C 57 -5.89 30.33 -13.44
CA GLU C 57 -6.26 31.46 -14.30
C GLU C 57 -7.26 31.04 -15.39
N ASN C 58 -7.00 29.87 -16.00
CA ASN C 58 -7.89 29.31 -17.03
C ASN C 58 -9.33 29.16 -16.52
N PHE C 59 -9.47 28.65 -15.30
CA PHE C 59 -10.79 28.54 -14.71
C PHE C 59 -11.37 29.91 -14.37
N ASP C 60 -10.55 30.79 -13.81
CA ASP C 60 -11.03 32.15 -13.48
C ASP C 60 -11.59 32.87 -14.71
N ARG C 61 -10.91 32.73 -15.86
CA ARG C 61 -11.39 33.29 -17.12
C ARG C 61 -12.63 32.58 -17.67
N THR C 62 -12.75 31.28 -17.47
CA THR C 62 -13.98 30.59 -17.85
C THR C 62 -15.16 31.01 -16.96
N ALA C 63 -14.92 31.01 -15.65
CA ALA C 63 -15.90 31.45 -14.67
C ALA C 63 -16.44 32.86 -15.00
N ALA C 64 -15.53 33.78 -15.34
CA ALA C 64 -15.91 35.18 -15.57
C ALA C 64 -16.77 35.29 -16.81
N ALA C 65 -16.47 34.51 -17.83
CA ALA C 65 -17.30 34.47 -19.03
C ALA C 65 -18.69 33.88 -18.74
N ALA C 66 -18.72 32.84 -17.90
CA ALA C 66 -19.98 32.24 -17.49
C ALA C 66 -20.85 33.23 -16.73
N ARG C 67 -20.26 33.95 -15.77
CA ARG C 67 -21.00 34.95 -14.99
C ARG C 67 -21.60 36.07 -15.84
N ASP C 68 -20.83 36.53 -16.84
CA ASP C 68 -21.27 37.58 -17.77
C ASP C 68 -22.52 37.17 -18.54
N VAL C 69 -22.46 35.97 -19.11
CA VAL C 69 -23.54 35.41 -19.91
C VAL C 69 -24.81 35.13 -19.08
N ILE C 70 -24.64 34.60 -17.88
CA ILE C 70 -25.78 34.36 -16.99
C ILE C 70 -26.51 35.69 -16.70
N TRP C 71 -25.71 36.74 -16.46
CA TRP C 71 -26.25 38.07 -16.16
C TRP C 71 -27.03 38.61 -17.36
N ARG C 72 -26.43 38.47 -18.55
CA ARG C 72 -27.12 38.86 -19.77
C ARG C 72 -28.39 38.05 -20.06
N LEU C 73 -28.34 36.74 -19.87
CA LEU C 73 -29.51 35.89 -20.14
C LEU C 73 -30.69 36.29 -19.27
N LEU C 74 -30.39 36.71 -18.04
CA LEU C 74 -31.41 37.08 -17.06
C LEU C 74 -31.94 38.50 -17.22
N PHE C 75 -31.07 39.45 -17.60
CA PHE C 75 -31.43 40.87 -17.52
C PHE C 75 -31.42 41.67 -18.82
N ASP C 76 -30.80 41.14 -19.88
CA ASP C 76 -30.68 41.85 -21.17
C ASP C 76 -31.98 42.29 -21.83
N GLU C 77 -33.08 41.60 -21.54
CA GLU C 77 -34.38 41.90 -22.20
C GLU C 77 -34.44 41.58 -23.70
N ALA C 78 -33.43 40.86 -24.21
CA ALA C 78 -33.48 40.27 -25.53
C ALA C 78 -34.10 38.88 -25.40
N GLY C 79 -34.65 38.36 -26.50
CA GLY C 79 -35.24 37.01 -26.51
C GLY C 79 -36.51 36.91 -25.66
N THR C 80 -36.78 35.72 -25.12
CA THR C 80 -37.88 35.53 -24.17
C THR C 80 -37.33 34.94 -22.88
N SER C 81 -37.95 35.29 -21.76
CA SER C 81 -37.52 34.76 -20.46
C SER C 81 -37.70 33.25 -20.40
N GLN C 82 -38.81 32.74 -20.95
CA GLN C 82 -39.04 31.29 -21.09
CA GLN C 82 -39.04 31.31 -21.03
C GLN C 82 -37.75 30.58 -21.44
N SER C 83 -37.18 30.97 -22.59
CA SER C 83 -35.94 30.40 -23.11
C SER C 83 -34.68 30.80 -22.35
N ASN C 84 -34.49 32.11 -22.16
CA ASN C 84 -33.24 32.65 -21.63
C ASN C 84 -33.01 32.37 -20.15
N THR C 85 -34.10 32.36 -19.38
CA THR C 85 -34.04 32.03 -17.95
C THR C 85 -33.61 30.58 -17.76
N GLU C 86 -34.14 29.69 -18.60
CA GLU C 86 -33.74 28.29 -18.58
C GLU C 86 -32.25 28.11 -18.89
N LYS C 87 -31.76 28.81 -19.91
CA LYS C 87 -30.33 28.80 -20.25
C LYS C 87 -29.46 29.26 -19.06
N ALA C 88 -29.89 30.34 -18.40
CA ALA C 88 -29.16 30.87 -17.26
C ALA C 88 -29.12 29.91 -16.08
N SER C 89 -30.25 29.27 -15.81
CA SER C 89 -30.40 28.28 -14.75
C SER C 89 -29.42 27.09 -14.95
N GLN C 90 -29.44 26.52 -16.15
CA GLN C 90 -28.56 25.40 -16.49
C GLN C 90 -27.08 25.76 -16.43
N LEU C 91 -26.70 26.90 -16.99
CA LEU C 91 -25.32 27.39 -16.91
C LEU C 91 -24.91 27.68 -15.47
N LEU C 92 -25.80 28.32 -14.70
CA LEU C 92 -25.51 28.64 -13.30
C LEU C 92 -25.22 27.37 -12.49
N GLU C 93 -26.07 26.36 -12.66
CA GLU C 93 -25.90 25.09 -12.00
C GLU C 93 -24.57 24.40 -12.34
N GLU C 94 -24.27 24.28 -13.63
CA GLU C 94 -22.99 23.72 -14.08
C GLU C 94 -21.81 24.53 -13.56
N TYR C 95 -21.89 25.85 -13.72
CA TYR C 95 -20.79 26.71 -13.26
C TYR C 95 -20.56 26.57 -11.74
N ARG C 96 -21.63 26.66 -10.94
CA ARG C 96 -21.54 26.48 -9.48
C ARG C 96 -20.87 25.15 -9.07
N GLY C 97 -21.21 24.08 -9.78
CA GLY C 97 -20.65 22.76 -9.51
C GLY C 97 -19.14 22.75 -9.64
N ASP C 98 -18.64 23.48 -10.62
CA ASP C 98 -17.20 23.64 -10.78
C ASP C 98 -16.60 24.58 -9.75
N ALA C 99 -17.29 25.70 -9.50
CA ALA C 99 -16.80 26.67 -8.53
C ALA C 99 -16.59 26.07 -7.12
N CYS C 100 -17.46 25.14 -6.72
CA CYS C 100 -17.35 24.45 -5.43
C CYS C 100 -16.02 23.70 -5.30
N PHE C 101 -15.45 23.27 -6.42
CA PHE C 101 -14.20 22.52 -6.43
C PHE C 101 -13.00 23.45 -6.68
N TYR C 102 -13.11 24.31 -7.70
CA TYR C 102 -12.00 25.17 -8.10
C TYR C 102 -11.88 26.52 -7.37
N ASP C 103 -13.00 27.22 -7.14
CA ASP C 103 -12.94 28.64 -6.73
C ASP C 103 -14.26 29.18 -6.18
N PRO C 104 -14.63 28.80 -4.95
CA PRO C 104 -15.92 29.23 -4.42
C PRO C 104 -16.03 30.72 -4.10
N THR C 105 -14.95 31.35 -3.67
CA THR C 105 -14.99 32.75 -3.30
C THR C 105 -15.58 33.73 -4.31
N PRO C 106 -15.11 33.73 -5.54
CA PRO C 106 -15.64 34.60 -6.57
C PRO C 106 -17.10 34.27 -6.78
N TYR C 107 -17.48 33.00 -6.78
CA TYR C 107 -18.87 32.65 -6.92
C TYR C 107 -19.69 33.17 -5.73
N ASN C 108 -19.23 32.94 -4.53
CA ASN C 108 -19.95 33.37 -3.33
C ASN C 108 -20.21 34.89 -3.26
N GLU C 109 -19.26 35.69 -3.73
CA GLU C 109 -19.44 37.14 -3.74
C GLU C 109 -20.39 37.59 -4.84
N TRP C 110 -20.27 36.95 -6.01
CA TRP C 110 -21.07 37.34 -7.17
C TRP C 110 -22.54 36.93 -7.04
N ILE C 111 -22.78 35.78 -6.43
CA ILE C 111 -24.14 35.29 -6.30
C ILE C 111 -25.02 36.20 -5.43
N VAL C 112 -24.40 36.93 -4.49
CA VAL C 112 -25.11 37.93 -3.67
C VAL C 112 -25.59 39.12 -4.52
N LYS C 113 -24.71 39.62 -5.38
CA LYS C 113 -25.09 40.68 -6.31
C LYS C 113 -26.17 40.20 -7.29
N LEU C 114 -26.04 38.96 -7.77
CA LEU C 114 -27.06 38.39 -8.66
C LEU C 114 -28.41 38.33 -7.98
N ARG C 115 -28.46 37.80 -6.75
CA ARG C 115 -29.70 37.79 -5.97
C ARG C 115 -30.28 39.19 -5.86
N ASP C 116 -29.43 40.15 -5.50
CA ASP C 116 -29.89 41.50 -5.24
C ASP C 116 -30.53 42.12 -6.48
N GLU C 117 -29.97 41.78 -7.66
CA GLU C 117 -30.54 42.22 -8.94
C GLU C 117 -31.83 41.48 -9.26
N VAL C 118 -31.87 40.20 -8.94
CA VAL C 118 -33.06 39.38 -9.11
C VAL C 118 -34.23 39.96 -8.32
N LEU C 119 -33.98 40.35 -7.07
CA LEU C 119 -35.02 40.87 -6.19
C LEU C 119 -35.50 42.27 -6.55
N LYS C 120 -34.55 43.15 -6.91
CA LYS C 120 -34.83 44.50 -7.37
C LYS C 120 -35.73 44.50 -8.61
N LYS C 121 -35.48 43.56 -9.52
CA LYS C 121 -36.25 43.41 -10.75
C LYS C 121 -37.49 42.55 -10.52
N GLU C 122 -37.65 42.06 -9.29
CA GLU C 122 -38.82 41.30 -8.86
C GLU C 122 -39.04 40.05 -9.72
N LEU C 123 -37.95 39.34 -10.00
CA LEU C 123 -38.00 38.04 -10.68
C LEU C 123 -38.15 36.93 -9.63
N LEU C 124 -39.30 36.92 -8.98
CA LEU C 124 -39.50 36.12 -7.77
C LEU C 124 -39.64 34.62 -8.04
N ASP C 125 -40.15 34.26 -9.21
CA ASP C 125 -40.21 32.84 -9.60
C ASP C 125 -38.80 32.29 -9.73
N PHE C 126 -37.93 33.00 -10.45
CA PHE C 126 -36.51 32.62 -10.54
C PHE C 126 -35.84 32.56 -9.15
N TRP C 127 -36.18 33.49 -8.27
CA TRP C 127 -35.63 33.48 -6.91
C TRP C 127 -36.09 32.22 -6.18
N ARG C 128 -37.40 31.96 -6.19
CA ARG C 128 -37.98 30.83 -5.50
C ARG C 128 -37.66 29.47 -6.12
N ASP C 129 -37.81 29.36 -7.44
CA ASP C 129 -37.75 28.05 -8.12
C ASP C 129 -36.33 27.65 -8.48
N VAL C 130 -35.49 28.63 -8.74
CA VAL C 130 -34.12 28.36 -9.14
C VAL C 130 -33.12 28.59 -8.02
N LEU C 131 -32.88 29.85 -7.62
CA LEU C 131 -31.81 30.13 -6.66
C LEU C 131 -32.04 29.46 -5.30
N VAL C 132 -33.28 29.52 -4.81
CA VAL C 132 -33.63 28.95 -3.52
C VAL C 132 -33.80 27.43 -3.62
N LYS C 133 -34.75 26.97 -4.45
CA LYS C 133 -35.06 25.54 -4.52
C LYS C 133 -33.87 24.67 -4.94
N LYS C 134 -33.11 25.12 -5.92
CA LYS C 134 -31.96 24.35 -6.40
C LYS C 134 -30.70 24.60 -5.56
N GLN C 135 -30.87 25.37 -4.49
CA GLN C 135 -29.78 25.73 -3.56
C GLN C 135 -28.53 26.26 -4.29
N LEU C 136 -28.72 27.29 -5.11
CA LEU C 136 -27.61 27.83 -5.92
C LEU C 136 -26.96 29.07 -5.34
N GLY C 137 -27.09 29.26 -4.04
CA GLY C 137 -26.43 30.35 -3.34
C GLY C 137 -24.99 29.97 -3.02
N PRO C 138 -24.38 30.63 -2.02
CA PRO C 138 -22.98 30.38 -1.72
C PRO C 138 -22.62 28.90 -1.51
N CYS C 139 -21.45 28.53 -1.99
CA CYS C 139 -20.88 27.24 -1.72
C CYS C 139 -20.55 27.17 -0.22
N TRP C 140 -20.73 25.99 0.36
CA TRP C 140 -20.45 25.74 1.78
C TRP C 140 -20.19 24.26 2.06
N SER C 141 -20.19 23.84 3.32
CA SER C 141 -19.80 22.45 3.62
C SER C 141 -20.74 21.36 3.07
N ARG C 142 -21.95 21.75 2.66
CA ARG C 142 -22.88 20.79 2.09
CA ARG C 142 -22.90 20.82 2.06
C ARG C 142 -22.37 20.34 0.72
N ASP C 143 -21.71 21.25 0.01
CA ASP C 143 -21.35 20.99 -1.39
C ASP C 143 -19.87 21.19 -1.77
N SER C 144 -19.01 21.55 -0.82
CA SER C 144 -17.62 21.87 -1.20
C SER C 144 -16.58 21.36 -0.18
N ASP C 145 -15.50 20.75 -0.66
CA ASP C 145 -14.44 20.31 0.27
C ASP C 145 -13.55 21.46 0.78
N LEU C 146 -13.88 22.68 0.36
CA LEU C 146 -13.20 23.87 0.83
CA LEU C 146 -13.17 23.86 0.84
C LEU C 146 -13.78 24.38 2.14
N PHE C 147 -14.85 23.72 2.60
CA PHE C 147 -15.56 24.11 3.80
C PHE C 147 -15.77 22.90 4.74
N ASP C 148 -16.10 23.18 5.99
CA ASP C 148 -16.42 22.15 6.98
C ASP C 148 -17.53 22.62 7.94
N SER C 149 -17.87 21.78 8.92
CA SER C 149 -18.99 22.02 9.82
C SER C 149 -18.82 23.21 10.78
N ASP C 150 -17.58 23.69 10.96
CA ASP C 150 -17.34 24.84 11.84
C ASP C 150 -17.50 26.18 11.12
N ASP C 151 -17.56 26.13 9.79
CA ASP C 151 -17.84 27.34 8.99
C ASP C 151 -19.31 27.74 9.11
N THR C 152 -19.58 29.02 8.94
CA THR C 152 -20.95 29.54 9.03
C THR C 152 -21.75 29.21 7.77
N PRO C 153 -22.86 28.45 7.91
CA PRO C 153 -23.72 28.15 6.75
C PRO C 153 -24.39 29.42 6.21
N PRO C 154 -24.61 29.49 4.89
CA PRO C 154 -25.14 30.69 4.23
C PRO C 154 -26.68 30.74 4.28
N LEU C 155 -27.20 30.69 5.50
CA LEU C 155 -28.63 30.64 5.75
C LEU C 155 -29.30 31.96 5.39
N GLU C 156 -28.60 33.04 5.70
CA GLU C 156 -29.06 34.42 5.59
CA GLU C 156 -29.22 34.35 5.58
C GLU C 156 -29.25 34.86 4.14
N PHE C 157 -28.44 34.26 3.26
CA PHE C 157 -28.50 34.53 1.83
C PHE C 157 -29.93 34.33 1.33
N TYR C 158 -30.57 33.28 1.84
CA TYR C 158 -31.83 32.78 1.32
C TYR C 158 -33.06 33.44 1.97
N ALA C 159 -32.85 34.16 3.08
CA ALA C 159 -33.94 34.74 3.85
C ALA C 159 -34.44 36.05 3.27
N HIS C 160 -35.01 35.97 2.07
CA HIS C 160 -35.51 37.14 1.38
C HIS C 160 -36.75 36.76 0.60
N ALA C 161 -37.71 37.69 0.54
CA ALA C 161 -38.96 37.54 -0.21
C ALA C 161 -39.83 36.38 0.29
N GLY C 162 -39.91 36.24 1.60
CA GLY C 162 -40.66 35.15 2.22
C GLY C 162 -40.03 33.76 2.13
N CYS C 163 -38.82 33.66 1.61
CA CYS C 163 -38.14 32.35 1.50
C CYS C 163 -37.19 32.07 2.64
N THR C 164 -36.85 30.80 2.83
CA THR C 164 -35.80 30.39 3.75
C THR C 164 -34.95 29.33 3.05
N ALA C 165 -33.76 29.07 3.58
CA ALA C 165 -32.89 28.04 3.02
C ALA C 165 -33.59 26.68 3.14
N PRO C 166 -33.60 25.88 2.05
CA PRO C 166 -34.20 24.54 2.10
C PRO C 166 -33.55 23.65 3.16
N PHE C 167 -32.28 23.93 3.47
CA PHE C 167 -31.57 23.21 4.52
C PHE C 167 -31.73 23.79 5.93
N ALA C 168 -32.53 24.85 6.07
CA ALA C 168 -32.66 25.52 7.37
C ALA C 168 -33.10 24.57 8.48
N ALA C 169 -34.12 23.76 8.20
CA ALA C 169 -34.66 22.80 9.19
C ALA C 169 -33.60 21.79 9.63
N SER C 170 -32.79 21.32 8.67
CA SER C 170 -31.70 20.37 8.95
C SER C 170 -30.65 20.93 9.91
N LEU C 171 -30.32 22.21 9.78
CA LEU C 171 -29.33 22.84 10.66
C LEU C 171 -29.78 22.98 12.11
N LYS C 172 -31.06 23.28 12.31
CA LYS C 172 -31.60 23.41 13.67
C LYS C 172 -31.50 22.08 14.41
N VAL C 173 -31.74 20.98 13.69
CA VAL C 173 -31.65 19.64 14.27
C VAL C 173 -30.19 19.20 14.51
N ARG C 174 -29.26 19.61 13.65
CA ARG C 174 -27.85 19.26 13.83
C ARG C 174 -27.26 19.91 15.10
N LEU C 219 -2.29 -42.62 12.78
CA LEU C 219 -2.49 -41.49 11.88
C LEU C 219 -3.17 -40.31 12.57
N GLU C 220 -4.36 -40.53 13.11
CA GLU C 220 -5.13 -39.48 13.77
C GLU C 220 -4.63 -39.23 15.18
N GLU C 221 -3.85 -40.18 15.70
CA GLU C 221 -3.11 -40.02 16.95
C GLU C 221 -1.98 -39.01 16.72
N TYR C 222 -1.37 -39.10 15.54
CA TYR C 222 -0.35 -38.14 15.09
C TYR C 222 -0.99 -36.78 14.82
N ARG C 223 -2.16 -36.81 14.19
CA ARG C 223 -2.89 -35.61 13.81
C ARG C 223 -3.31 -34.79 15.02
N THR C 224 -3.97 -35.45 15.97
CA THR C 224 -4.48 -34.78 17.18
C THR C 224 -3.33 -34.17 17.98
N LEU C 225 -2.22 -34.89 18.07
CA LEU C 225 -1.02 -34.41 18.74
C LEU C 225 -0.43 -33.18 18.03
N MET C 226 -0.51 -33.18 16.70
CA MET C 226 -0.08 -32.04 15.89
C MET C 226 -1.05 -30.87 16.02
N LYS C 227 -2.33 -31.18 16.25
CA LYS C 227 -3.35 -30.17 16.42
C LYS C 227 -3.30 -29.52 17.80
N ARG C 228 -2.82 -30.26 18.79
CA ARG C 228 -2.72 -29.78 20.17
C ARG C 228 -1.51 -28.88 20.42
N PHE C 229 -0.32 -29.39 20.09
CA PHE C 229 0.94 -28.72 20.46
C PHE C 229 1.57 -27.91 19.33
N VAL C 230 1.20 -28.22 18.08
CA VAL C 230 1.71 -27.51 16.91
C VAL C 230 0.57 -26.77 16.20
N ILE C 234 1.14 -16.87 18.39
CA ILE C 234 2.07 -16.96 19.51
C ILE C 234 3.53 -16.88 19.04
N ILE C 235 4.28 -15.93 19.60
CA ILE C 235 5.68 -15.70 19.19
C ILE C 235 6.61 -16.71 19.86
N VAL C 236 6.91 -17.79 19.14
CA VAL C 236 7.74 -18.88 19.66
C VAL C 236 9.07 -18.94 18.89
N PRO C 237 10.22 -18.92 19.61
CA PRO C 237 11.54 -19.00 18.98
C PRO C 237 11.67 -20.22 18.07
N ASP C 238 12.38 -20.05 16.96
CA ASP C 238 12.46 -21.09 15.93
C ASP C 238 12.92 -22.44 16.48
N SER C 239 14.01 -22.43 17.23
CA SER C 239 14.61 -23.66 17.75
C SER C 239 13.66 -24.46 18.64
N VAL C 240 12.79 -23.75 19.37
CA VAL C 240 11.76 -24.38 20.20
C VAL C 240 10.71 -25.04 19.30
N HIS C 241 10.14 -24.26 18.40
CA HIS C 241 9.13 -24.76 17.46
C HIS C 241 9.72 -25.83 16.55
N GLN C 242 11.01 -25.71 16.24
CA GLN C 242 11.76 -26.75 15.53
C GLN C 242 11.70 -28.08 16.29
N ALA C 243 11.96 -28.00 17.61
CA ALA C 243 11.99 -29.18 18.48
C ALA C 243 10.63 -29.84 18.68
N SER C 244 9.59 -29.03 18.84
CA SER C 244 8.21 -29.52 18.96
C SER C 244 7.73 -30.21 17.68
N VAL C 245 8.24 -29.74 16.54
CA VAL C 245 8.01 -30.38 15.25
C VAL C 245 8.81 -31.68 15.15
N LYS C 246 10.06 -31.66 15.60
CA LYS C 246 10.93 -32.84 15.59
C LYS C 246 10.37 -33.97 16.46
N LYS C 247 9.81 -33.60 17.62
CA LYS C 247 9.28 -34.57 18.57
C LYS C 247 8.13 -35.40 17.99
N ILE C 248 7.31 -34.77 17.17
CA ILE C 248 6.20 -35.43 16.51
C ILE C 248 6.68 -36.12 15.24
N ALA C 249 7.76 -35.60 14.65
CA ALA C 249 8.41 -36.22 13.50
C ALA C 249 9.08 -37.54 13.90
N ALA C 250 9.93 -37.49 14.93
CA ALA C 250 10.58 -38.69 15.46
C ALA C 250 9.57 -39.74 15.92
N ALA C 251 8.45 -39.28 16.49
CA ALA C 251 7.39 -40.15 16.98
C ALA C 251 6.60 -40.80 15.85
N ALA C 252 6.57 -40.15 14.69
CA ALA C 252 5.94 -40.74 13.53
C ALA C 252 6.86 -41.81 12.94
N ARG C 253 8.15 -41.49 12.86
CA ARG C 253 9.16 -42.40 12.28
C ARG C 253 9.32 -43.69 13.08
N GLU C 254 9.16 -43.61 14.40
CA GLU C 254 9.42 -44.75 15.28
C GLU C 254 8.27 -45.78 15.34
N ILE C 255 7.03 -45.33 15.21
CA ILE C 255 5.89 -46.25 15.15
C ILE C 255 5.81 -46.95 13.78
N ILE C 256 6.14 -46.22 12.71
CA ILE C 256 6.21 -46.77 11.35
C ILE C 256 7.20 -47.96 11.33
N TRP C 257 8.37 -47.75 11.95
CA TRP C 257 9.39 -48.79 12.08
C TRP C 257 8.92 -49.97 12.94
N LYS C 258 8.03 -49.71 13.90
CA LYS C 258 7.41 -50.79 14.69
C LYS C 258 6.39 -51.56 13.88
N LEU C 259 5.43 -50.83 13.29
CA LEU C 259 4.36 -51.40 12.46
C LEU C 259 4.87 -52.37 11.39
N LEU C 260 6.02 -52.03 10.81
CA LEU C 260 6.59 -52.77 9.71
C LEU C 260 7.61 -53.83 10.12
N PHE C 261 8.29 -53.61 11.25
CA PHE C 261 9.44 -54.44 11.60
C PHE C 261 9.44 -55.09 13.00
N ASP C 262 8.28 -55.12 13.67
CA ASP C 262 8.14 -55.87 14.92
C ASP C 262 8.15 -57.36 14.63
N GLY C 263 7.70 -57.71 13.43
CA GLY C 263 7.75 -59.08 12.90
C GLY C 263 7.48 -59.00 11.42
N THR C 264 6.61 -59.87 10.93
CA THR C 264 6.10 -59.76 9.56
C THR C 264 4.77 -59.02 9.61
N PRO C 265 4.72 -57.81 9.02
CA PRO C 265 3.55 -56.93 9.16
C PRO C 265 2.32 -57.42 8.41
N SER C 266 1.17 -57.32 9.05
CA SER C 266 -0.11 -57.66 8.45
C SER C 266 -0.52 -56.62 7.41
N ALA C 267 -1.47 -56.97 6.56
CA ALA C 267 -2.01 -56.07 5.54
C ALA C 267 -2.59 -54.82 6.19
N GLU C 268 -3.19 -55.01 7.36
CA GLU C 268 -3.72 -53.91 8.17
C GLU C 268 -2.61 -52.96 8.62
N ASP C 269 -1.50 -53.52 9.10
CA ASP C 269 -0.39 -52.72 9.61
C ASP C 269 0.47 -52.07 8.52
N GLN C 270 0.44 -52.66 7.32
CA GLN C 270 1.07 -52.08 6.13
C GLN C 270 0.25 -50.87 5.64
N ASN C 271 -1.07 -50.95 5.81
CA ASN C 271 -1.97 -49.83 5.52
C ASN C 271 -1.82 -48.67 6.50
N LYS C 272 -1.64 -49.01 7.78
CA LYS C 272 -1.47 -48.01 8.84
C LYS C 272 -0.12 -47.31 8.79
N ALA C 273 0.89 -48.00 8.27
CA ALA C 273 2.21 -47.42 8.10
C ALA C 273 2.23 -46.45 6.93
N ALA C 274 1.62 -46.87 5.82
CA ALA C 274 1.47 -46.04 4.62
C ALA C 274 0.58 -44.81 4.87
N GLU C 275 -0.42 -45.00 5.74
CA GLU C 275 -1.35 -43.95 6.16
C GLU C 275 -0.59 -42.80 6.79
N LEU C 276 0.22 -43.14 7.81
CA LEU C 276 0.99 -42.14 8.55
C LEU C 276 2.13 -41.53 7.73
N LEU C 277 2.82 -42.37 6.96
CA LEU C 277 3.98 -41.95 6.17
C LEU C 277 3.63 -40.89 5.12
N GLN C 278 2.41 -40.96 4.60
CA GLN C 278 1.95 -39.97 3.62
C GLN C 278 1.69 -38.61 4.28
N GLU C 279 1.09 -38.63 5.48
CA GLU C 279 0.83 -37.38 6.18
CA GLU C 279 0.80 -37.41 6.25
C GLU C 279 2.07 -36.80 6.85
N TYR C 280 2.93 -37.66 7.39
CA TYR C 280 4.20 -37.20 7.93
C TYR C 280 5.05 -36.57 6.81
N LYS C 281 5.07 -37.19 5.63
CA LYS C 281 5.77 -36.58 4.48
C LYS C 281 5.21 -35.19 4.13
N GLY C 282 3.89 -35.08 4.05
CA GLY C 282 3.25 -33.80 3.75
C GLY C 282 3.65 -32.68 4.70
N ASP C 283 3.64 -32.97 6.00
CA ASP C 283 4.06 -31.99 7.01
C ASP C 283 5.54 -31.69 6.93
N ALA C 284 6.36 -32.72 6.66
CA ALA C 284 7.79 -32.57 6.50
C ALA C 284 8.14 -31.65 5.33
N GLY C 285 7.37 -31.74 4.25
CA GLY C 285 7.56 -30.88 3.07
C GLY C 285 7.36 -29.39 3.35
N PHE C 286 6.66 -29.07 4.43
CA PHE C 286 6.50 -27.67 4.84
C PHE C 286 7.49 -27.28 5.93
N TYR C 287 7.67 -28.14 6.92
CA TYR C 287 8.52 -27.79 8.07
C TYR C 287 10.01 -28.00 7.83
N GLY C 288 10.36 -28.67 6.74
CA GLY C 288 11.75 -28.95 6.43
C GLY C 288 11.98 -30.42 6.27
N PRO C 289 12.07 -30.89 5.01
CA PRO C 289 12.08 -32.30 4.70
C PRO C 289 13.48 -32.95 4.72
N ASP C 290 14.48 -32.24 5.25
CA ASP C 290 15.86 -32.76 5.27
C ASP C 290 16.05 -34.05 6.07
N ASP C 291 15.41 -34.14 7.25
CA ASP C 291 15.41 -35.36 8.05
C ASP C 291 14.68 -36.49 7.31
N TYR C 292 13.55 -36.15 6.71
CA TYR C 292 12.76 -37.10 5.97
C TYR C 292 13.56 -37.67 4.80
N ASN C 293 14.27 -36.80 4.08
CA ASN C 293 15.03 -37.19 2.90
C ASN C 293 16.21 -38.10 3.18
N SER C 294 16.77 -38.00 4.38
CA SER C 294 17.83 -38.89 4.80
C SER C 294 17.24 -40.23 5.23
N TRP C 295 16.24 -40.17 6.12
CA TRP C 295 15.66 -41.36 6.77
C TRP C 295 14.87 -42.23 5.82
N ILE C 296 14.18 -41.63 4.85
CA ILE C 296 13.32 -42.40 3.94
C ILE C 296 14.12 -43.45 3.15
N PHE C 297 15.39 -43.14 2.88
CA PHE C 297 16.34 -44.07 2.26
C PHE C 297 16.64 -45.26 3.16
N ASN C 298 16.79 -44.99 4.47
CA ASN C 298 16.98 -46.04 5.46
C ASN C 298 15.77 -46.98 5.55
N LEU C 299 14.57 -46.39 5.53
CA LEU C 299 13.34 -47.18 5.57
C LEU C 299 13.18 -48.06 4.33
N ARG C 300 13.45 -47.49 3.16
CA ARG C 300 13.41 -48.24 1.90
C ARG C 300 14.33 -49.46 1.91
N ASP C 301 15.57 -49.24 2.36
CA ASP C 301 16.59 -50.30 2.45
C ASP C 301 16.16 -51.43 3.41
N GLU C 302 15.47 -51.06 4.48
CA GLU C 302 14.94 -52.03 5.43
C GLU C 302 13.68 -52.74 4.89
N VAL C 303 12.87 -52.02 4.11
CA VAL C 303 11.71 -52.61 3.43
C VAL C 303 12.19 -53.70 2.45
N LEU C 304 13.26 -53.39 1.73
CA LEU C 304 13.86 -54.31 0.76
C LEU C 304 14.69 -55.45 1.38
N THR C 305 15.25 -55.23 2.57
CA THR C 305 15.97 -56.32 3.25
C THR C 305 14.98 -57.33 3.85
N LYS C 306 13.87 -56.83 4.39
CA LYS C 306 12.81 -57.67 4.96
C LYS C 306 11.87 -58.25 3.90
N GLU C 307 12.12 -57.91 2.63
CA GLU C 307 11.32 -58.34 1.48
C GLU C 307 9.85 -57.93 1.54
N LEU C 308 9.61 -56.71 2.01
CA LEU C 308 8.27 -56.16 2.04
C LEU C 308 7.92 -55.54 0.69
N LEU C 309 7.94 -56.38 -0.33
CA LEU C 309 7.73 -55.99 -1.72
C LEU C 309 6.39 -55.34 -1.99
N ASP C 310 5.35 -55.85 -1.33
CA ASP C 310 4.00 -55.29 -1.41
C ASP C 310 3.99 -53.86 -0.90
N PHE C 311 4.70 -53.63 0.21
CA PHE C 311 4.81 -52.30 0.78
C PHE C 311 5.58 -51.38 -0.17
N TRP C 312 6.70 -51.88 -0.69
CA TRP C 312 7.54 -51.07 -1.58
C TRP C 312 6.75 -50.59 -2.82
N ARG C 313 6.17 -51.53 -3.55
CA ARG C 313 5.51 -51.23 -4.82
C ARG C 313 4.20 -50.44 -4.69
N ASP C 314 3.31 -50.87 -3.81
CA ASP C 314 1.95 -50.31 -3.71
C ASP C 314 1.87 -49.10 -2.80
N LYS C 315 2.86 -48.94 -1.93
CA LYS C 315 2.85 -47.82 -1.00
C LYS C 315 3.96 -46.81 -1.30
N MET C 316 5.22 -47.23 -1.13
CA MET C 316 6.35 -46.30 -1.29
C MET C 316 6.56 -45.78 -2.71
N VAL C 317 6.39 -46.68 -3.69
CA VAL C 317 6.48 -46.31 -5.11
C VAL C 317 5.17 -45.66 -5.60
N LYS C 318 4.07 -46.40 -5.50
CA LYS C 318 2.78 -46.00 -6.06
C LYS C 318 2.28 -44.67 -5.51
N MET C 319 2.41 -44.47 -4.20
CA MET C 319 1.95 -43.22 -3.57
C MET C 319 3.03 -42.15 -3.45
N GLU C 320 4.15 -42.37 -4.13
CA GLU C 320 5.24 -41.39 -4.22
C GLU C 320 5.74 -40.95 -2.84
N LEU C 321 6.14 -41.91 -2.02
CA LEU C 321 6.53 -41.61 -0.63
C LEU C 321 8.04 -41.47 -0.47
N GLY C 322 8.71 -41.18 -1.57
CA GLY C 322 10.15 -40.96 -1.57
C GLY C 322 10.50 -39.58 -1.06
N PRO C 323 11.76 -39.16 -1.32
CA PRO C 323 12.25 -37.84 -0.95
C PRO C 323 11.29 -36.72 -1.36
N SER C 324 11.18 -35.70 -0.52
CA SER C 324 10.36 -34.54 -0.85
C SER C 324 10.98 -33.77 -2.01
N CYS C 325 10.14 -33.18 -2.87
CA CYS C 325 10.63 -32.45 -4.04
CA CYS C 325 10.61 -32.47 -4.06
C CYS C 325 9.66 -31.37 -4.54
N ALA C 326 9.98 -30.73 -5.66
CA ALA C 326 9.18 -29.61 -6.21
C ALA C 326 7.77 -30.02 -6.58
N ARG C 327 7.52 -31.32 -6.57
CA ARG C 327 6.20 -31.84 -6.83
C ARG C 327 5.32 -31.63 -5.61
N ASP C 328 5.95 -31.66 -4.43
CA ASP C 328 5.20 -31.65 -3.17
C ASP C 328 5.48 -30.46 -2.23
N SER C 329 6.54 -29.70 -2.50
CA SER C 329 7.07 -28.77 -1.50
C SER C 329 7.65 -27.45 -2.07
N ASP C 330 7.53 -26.38 -1.28
CA ASP C 330 8.07 -25.08 -1.67
C ASP C 330 9.54 -24.92 -1.30
N TYR C 331 10.15 -26.00 -0.81
CA TYR C 331 11.60 -26.04 -0.62
C TYR C 331 12.35 -26.23 -1.94
N TYR C 332 11.59 -26.49 -3.01
CA TYR C 332 12.17 -26.82 -4.31
C TYR C 332 11.50 -26.11 -5.50
N ASP C 333 12.22 -26.05 -6.63
CA ASP C 333 11.65 -25.58 -7.91
C ASP C 333 12.12 -26.42 -9.11
N ASN C 334 11.83 -25.94 -10.31
CA ASN C 334 12.17 -26.61 -11.58
C ASN C 334 13.60 -27.12 -11.75
N GLU C 335 14.58 -26.25 -11.48
CA GLU C 335 15.99 -26.55 -11.71
C GLU C 335 16.53 -27.66 -10.81
N ASP C 336 15.85 -27.92 -9.70
CA ASP C 336 16.23 -28.98 -8.77
C ASP C 336 16.07 -30.39 -9.38
N PRO C 337 17.04 -31.29 -9.10
CA PRO C 337 16.99 -32.64 -9.65
C PRO C 337 15.93 -33.50 -8.95
N LEU C 338 15.08 -34.16 -9.73
CA LEU C 338 14.04 -35.03 -9.18
C LEU C 338 14.66 -36.34 -8.65
N PRO C 339 14.02 -36.97 -7.64
CA PRO C 339 14.62 -38.15 -7.03
C PRO C 339 14.22 -39.45 -7.74
N PHE C 340 14.56 -39.57 -9.01
CA PHE C 340 14.22 -40.76 -9.80
C PHE C 340 14.90 -41.99 -9.20
N GLU C 341 16.16 -41.81 -8.82
CA GLU C 341 17.07 -42.89 -8.39
C GLU C 341 16.59 -43.66 -7.16
N PHE C 342 15.91 -42.95 -6.24
CA PHE C 342 15.38 -43.56 -5.01
C PHE C 342 14.42 -44.72 -5.30
N TYR C 343 13.58 -44.54 -6.30
CA TYR C 343 12.55 -45.52 -6.65
C TYR C 343 13.08 -46.65 -7.52
N GLU C 344 14.23 -46.43 -8.15
CA GLU C 344 14.80 -47.40 -9.10
C GLU C 344 15.44 -48.61 -8.41
N LYS C 345 14.61 -49.35 -7.67
CA LYS C 345 15.01 -50.57 -6.94
C LYS C 345 13.90 -51.61 -7.04
N ALA C 346 14.30 -52.89 -6.96
CA ALA C 346 13.41 -54.05 -7.15
C ALA C 346 12.65 -54.03 -8.48
N GLY C 347 13.28 -53.46 -9.51
CA GLY C 347 12.67 -53.34 -10.83
C GLY C 347 11.76 -52.14 -11.04
N CYS C 348 11.48 -51.41 -9.96
CA CYS C 348 10.54 -50.29 -10.00
C CYS C 348 11.12 -49.04 -10.63
N LYS C 349 10.23 -48.10 -10.95
CA LYS C 349 10.61 -46.77 -11.40
C LYS C 349 9.80 -45.75 -10.62
N ALA C 350 10.26 -44.50 -10.65
CA ALA C 350 9.55 -43.38 -10.06
C ALA C 350 8.18 -43.22 -10.73
N PRO C 351 7.12 -43.06 -9.93
CA PRO C 351 5.75 -42.82 -10.39
C PRO C 351 5.55 -41.55 -11.23
N PHE C 352 6.59 -40.74 -11.41
CA PHE C 352 6.48 -39.50 -12.17
C PHE C 352 7.28 -39.44 -13.48
N GLU C 353 6.62 -38.89 -14.52
CA GLU C 353 7.19 -38.61 -15.84
C GLU C 353 7.61 -39.84 -16.65
#